data_9G3R
#
_entry.id   9G3R
#
_cell.length_a   50.900
_cell.length_b   99.823
_cell.length_c   86.838
_cell.angle_alpha   90.000
_cell.angle_beta   90.000
_cell.angle_gamma   90.000
#
_symmetry.space_group_name_H-M   'P 1 21 1'
#
loop_
_entity.id
_entity.type
_entity.pdbx_description
1 polymer 'PA-I galactophilic lectin'
2 branched 1-thio-beta-D-galactopyranose-(1-1)-alpha-L-fucopyranose
3 non-polymer 'CALCIUM ION'
4 non-polymer 'CHLORIDE ION'
5 non-polymer 1-thio-beta-D-galactopyranose
6 non-polymer DI(HYDROXYETHYL)ETHER
7 water water
#
_entity_poly.entity_id   1
_entity_poly.type   'polypeptide(L)'
_entity_poly.pdbx_seq_one_letter_code
;AWKGEVLANNEAGQVTSIIYNPGDVITIVAAGWASYGPTQKWGPQGDREHPDQGLICHDAFCGALVMKIGNSGTIPVNTG
LFRWVAPNNVQGAITLIYNDVPGTYGNNSGSFSVNIGKDQS
;
_entity_poly.pdbx_strand_id   A,B,C,D,E,F,G,H
#
loop_
_chem_comp.id
_chem_comp.type
_chem_comp.name
_chem_comp.formula
CA non-polymer 'CALCIUM ION' 'Ca 2'
CL non-polymer 'CHLORIDE ION' 'Cl -1'
FUC L-saccharide, alpha linking alpha-L-fucopyranose 'C6 H12 O5'
PEG non-polymer DI(HYDROXYETHYL)ETHER 'C4 H10 O3'
YIO D-saccharide, beta linking 1-thio-beta-D-galactopyranose 'C6 H12 O5 S'
#
# COMPACT_ATOMS: atom_id res chain seq x y z
N ALA A 1 12.32 -17.84 2.14
CA ALA A 1 12.50 -17.52 0.69
C ALA A 1 12.33 -18.78 -0.15
N TRP A 2 12.05 -18.58 -1.43
CA TRP A 2 11.85 -19.68 -2.35
C TRP A 2 12.52 -19.36 -3.69
N LYS A 3 13.16 -20.36 -4.31
CA LYS A 3 13.68 -20.22 -5.68
C LYS A 3 13.17 -21.40 -6.52
N GLY A 4 12.82 -21.16 -7.79
CA GLY A 4 12.35 -22.24 -8.64
C GLY A 4 12.04 -21.80 -10.07
N GLU A 5 11.33 -22.68 -10.76
CA GLU A 5 11.07 -22.58 -12.18
C GLU A 5 9.55 -22.69 -12.38
N VAL A 6 9.04 -21.84 -13.27
CA VAL A 6 7.65 -21.87 -13.66
C VAL A 6 7.61 -22.21 -15.15
N LEU A 7 7.08 -23.39 -15.51
CA LEU A 7 7.03 -23.77 -16.93
C LEU A 7 5.85 -23.10 -17.61
N ALA A 8 6.08 -22.60 -18.83
CA ALA A 8 5.05 -21.93 -19.62
C ALA A 8 3.87 -22.86 -19.96
N ASN A 9 4.13 -24.16 -20.03
CA ASN A 9 3.11 -25.12 -20.43
C ASN A 9 2.33 -25.74 -19.26
N ASN A 10 2.58 -25.28 -18.02
CA ASN A 10 1.94 -25.79 -16.80
C ASN A 10 0.70 -24.96 -16.45
N GLU A 11 -0.47 -25.44 -16.88
CA GLU A 11 -1.70 -24.65 -16.74
C GLU A 11 -2.08 -24.43 -15.28
N ALA A 12 -1.79 -25.41 -14.41
CA ALA A 12 -2.16 -25.37 -13.01
C ALA A 12 -1.27 -24.43 -12.20
N GLY A 13 -0.07 -24.17 -12.74
CA GLY A 13 0.89 -23.29 -12.08
C GLY A 13 1.88 -24.04 -11.19
N GLN A 14 2.90 -23.29 -10.71
CA GLN A 14 3.87 -23.77 -9.74
C GLN A 14 3.52 -23.29 -8.34
N VAL A 15 3.22 -24.27 -7.46
CA VAL A 15 2.98 -23.98 -6.06
C VAL A 15 4.34 -23.76 -5.40
N THR A 16 4.50 -22.60 -4.74
CA THR A 16 5.72 -22.29 -3.98
C THR A 16 5.52 -22.73 -2.53
N SER A 17 6.58 -22.62 -1.72
CA SER A 17 6.50 -22.83 -0.27
C SER A 17 6.22 -21.54 0.51
N ILE A 18 5.93 -20.44 -0.17
CA ILE A 18 5.68 -19.17 0.50
C ILE A 18 4.20 -19.10 0.88
N ILE A 19 3.90 -18.94 2.18
CA ILE A 19 2.58 -18.52 2.60
C ILE A 19 2.61 -17.02 2.91
N TYR A 20 1.81 -16.27 2.13
CA TYR A 20 1.66 -14.85 2.34
C TYR A 20 0.66 -14.62 3.50
N ASN A 21 1.17 -13.98 4.55
CA ASN A 21 0.44 -13.75 5.79
C ASN A 21 0.14 -12.27 5.95
N PRO A 22 -0.93 -11.92 6.69
CA PRO A 22 -1.28 -10.51 6.87
C PRO A 22 -0.08 -9.68 7.32
N GLY A 23 0.18 -8.61 6.56
CA GLY A 23 1.24 -7.66 6.89
C GLY A 23 2.60 -7.96 6.26
N ASP A 24 2.78 -9.13 5.63
CA ASP A 24 4.03 -9.50 4.96
C ASP A 24 4.38 -8.48 3.85
N VAL A 25 5.69 -8.21 3.72
CA VAL A 25 6.21 -7.48 2.58
C VAL A 25 7.07 -8.46 1.79
N ILE A 26 6.93 -8.50 0.45
CA ILE A 26 7.70 -9.49 -0.30
C ILE A 26 8.40 -8.83 -1.48
N THR A 27 9.48 -9.48 -1.97
CA THR A 27 10.21 -9.11 -3.18
C THR A 27 10.27 -10.35 -4.07
N ILE A 28 9.94 -10.15 -5.36
CA ILE A 28 10.03 -11.20 -6.37
C ILE A 28 10.92 -10.67 -7.50
N VAL A 29 11.83 -11.52 -8.04
CA VAL A 29 12.60 -11.25 -9.25
C VAL A 29 12.43 -12.45 -10.19
N ALA A 30 12.03 -12.18 -11.44
CA ALA A 30 11.81 -13.21 -12.46
C ALA A 30 12.64 -12.93 -13.70
N ALA A 31 13.16 -14.01 -14.29
CA ALA A 31 14.00 -13.96 -15.48
C ALA A 31 13.66 -15.12 -16.41
N GLY A 32 14.10 -15.03 -17.66
CA GLY A 32 14.04 -16.16 -18.57
C GLY A 32 13.28 -15.84 -19.85
N TRP A 33 13.03 -16.89 -20.61
CA TRP A 33 12.47 -16.82 -21.94
C TRP A 33 11.45 -17.93 -22.15
N ALA A 34 10.28 -17.56 -22.68
CA ALA A 34 9.16 -18.47 -22.88
C ALA A 34 8.30 -17.98 -24.03
N SER A 35 7.41 -18.86 -24.49
CA SER A 35 6.51 -18.56 -25.59
C SER A 35 5.15 -19.19 -25.32
N TYR A 36 4.11 -18.52 -25.83
CA TYR A 36 2.72 -18.97 -25.76
C TYR A 36 2.33 -19.73 -27.05
N GLY A 37 3.30 -19.98 -27.93
CA GLY A 37 3.08 -20.74 -29.16
C GLY A 37 4.05 -20.38 -30.28
N PRO A 38 4.20 -19.07 -30.67
CA PRO A 38 5.15 -18.65 -31.72
C PRO A 38 6.62 -19.02 -31.45
N THR A 39 7.44 -19.05 -32.53
CA THR A 39 8.84 -19.42 -32.41
C THR A 39 9.61 -18.37 -31.60
N GLN A 40 9.19 -17.10 -31.66
CA GLN A 40 9.79 -16.05 -30.83
C GLN A 40 9.52 -16.34 -29.35
N LYS A 41 10.43 -15.87 -28.50
CA LYS A 41 10.26 -15.99 -27.06
C LYS A 41 10.25 -14.58 -26.48
N TRP A 42 9.59 -14.45 -25.31
CA TRP A 42 9.48 -13.19 -24.61
C TRP A 42 9.92 -13.38 -23.16
N GLY A 43 10.25 -12.27 -22.50
CA GLY A 43 10.61 -12.29 -21.09
C GLY A 43 9.37 -12.21 -20.19
N PRO A 44 9.55 -12.07 -18.85
CA PRO A 44 8.42 -12.17 -17.93
C PRO A 44 7.30 -11.11 -18.01
N GLN A 45 7.55 -10.00 -18.73
CA GLN A 45 6.47 -9.04 -18.99
C GLN A 45 5.56 -9.52 -20.13
N GLY A 46 6.00 -10.54 -20.86
CA GLY A 46 5.23 -11.06 -21.99
C GLY A 46 5.34 -10.18 -23.23
N ASP A 47 4.30 -10.28 -24.08
CA ASP A 47 4.30 -9.69 -25.40
C ASP A 47 3.30 -8.55 -25.43
N ARG A 48 3.79 -7.30 -25.42
CA ARG A 48 2.94 -6.10 -25.33
C ARG A 48 1.97 -5.98 -26.51
N GLU A 49 2.34 -6.55 -27.66
CA GLU A 49 1.60 -6.39 -28.91
C GLU A 49 0.47 -7.42 -29.10
N HIS A 50 0.46 -8.53 -28.36
CA HIS A 50 -0.53 -9.59 -28.62
C HIS A 50 -1.86 -9.26 -27.95
N PRO A 51 -3.02 -9.37 -28.63
CA PRO A 51 -4.28 -8.96 -28.00
C PRO A 51 -4.74 -9.95 -26.93
N ASP A 52 -5.51 -9.46 -25.96
CA ASP A 52 -6.03 -10.33 -24.91
C ASP A 52 -7.21 -11.14 -25.44
N GLN A 53 -7.06 -12.47 -25.52
CA GLN A 53 -8.09 -13.35 -26.06
C GLN A 53 -8.77 -14.19 -24.98
N GLY A 54 -8.87 -13.69 -23.74
CA GLY A 54 -9.44 -14.42 -22.61
C GLY A 54 -8.33 -14.99 -21.70
N LEU A 55 -7.30 -14.18 -21.46
CA LEU A 55 -6.20 -14.55 -20.56
C LEU A 55 -6.71 -14.76 -19.13
N ILE A 56 -6.00 -15.60 -18.37
CA ILE A 56 -6.34 -15.85 -16.97
C ILE A 56 -6.14 -14.57 -16.14
N CYS A 57 -5.33 -13.62 -16.63
CA CYS A 57 -5.13 -12.36 -15.96
C CYS A 57 -5.23 -11.25 -17.00
N HIS A 58 -6.27 -10.39 -16.86
CA HIS A 58 -6.56 -9.32 -17.82
C HIS A 58 -5.64 -8.10 -17.66
N ASP A 59 -4.90 -8.01 -16.55
CA ASP A 59 -4.10 -6.83 -16.23
C ASP A 59 -2.61 -7.16 -16.38
N ALA A 60 -2.31 -8.20 -17.17
CA ALA A 60 -0.95 -8.46 -17.67
C ALA A 60 -1.02 -8.94 -19.11
N PHE A 61 0.09 -8.80 -19.85
CA PHE A 61 0.16 -9.22 -21.25
C PHE A 61 0.19 -10.75 -21.37
N CYS A 62 -0.20 -11.25 -22.55
CA CYS A 62 0.03 -12.64 -22.95
C CYS A 62 1.51 -13.00 -22.77
N GLY A 63 1.75 -14.09 -22.04
CA GLY A 63 3.10 -14.59 -21.82
C GLY A 63 3.83 -13.94 -20.64
N ALA A 64 3.11 -13.15 -19.83
CA ALA A 64 3.65 -12.58 -18.60
C ALA A 64 3.56 -13.56 -17.44
N LEU A 65 4.38 -13.36 -16.41
CA LEU A 65 4.27 -14.06 -15.14
C LEU A 65 3.22 -13.43 -14.23
N VAL A 66 2.27 -14.26 -13.74
CA VAL A 66 1.24 -13.82 -12.79
C VAL A 66 1.20 -14.79 -11.61
N MET A 67 0.38 -14.49 -10.61
CA MET A 67 0.25 -15.34 -9.43
C MET A 67 -1.18 -15.31 -8.85
N LYS A 68 -1.48 -16.34 -8.06
CA LYS A 68 -2.56 -16.30 -7.07
C LYS A 68 -1.99 -16.44 -5.67
N ILE A 69 -2.67 -15.78 -4.73
CA ILE A 69 -2.38 -15.88 -3.30
C ILE A 69 -3.64 -16.40 -2.59
N GLY A 70 -3.65 -17.67 -2.17
CA GLY A 70 -4.89 -18.22 -1.61
C GLY A 70 -6.06 -18.06 -2.59
N ASN A 71 -7.18 -17.48 -2.13
CA ASN A 71 -8.41 -17.34 -2.90
C ASN A 71 -8.43 -16.01 -3.68
N SER A 72 -7.26 -15.37 -3.86
CA SER A 72 -7.23 -14.10 -4.58
C SER A 72 -7.62 -14.35 -6.03
N GLY A 73 -7.86 -13.29 -6.77
CA GLY A 73 -7.82 -13.46 -8.22
C GLY A 73 -6.38 -13.65 -8.70
N THR A 74 -6.18 -13.74 -10.01
CA THR A 74 -4.82 -13.60 -10.53
C THR A 74 -4.29 -12.20 -10.23
N ILE A 75 -2.99 -12.11 -9.89
CA ILE A 75 -2.28 -10.85 -9.62
C ILE A 75 -1.03 -10.77 -10.51
N PRO A 76 -0.73 -9.64 -11.21
CA PRO A 76 0.41 -9.57 -12.14
C PRO A 76 1.71 -9.64 -11.34
N VAL A 77 2.75 -10.22 -11.95
CA VAL A 77 4.07 -10.23 -11.33
C VAL A 77 5.07 -9.63 -12.32
N ASN A 78 5.02 -10.00 -13.61
CA ASN A 78 5.98 -9.50 -14.62
C ASN A 78 7.41 -9.82 -14.19
N THR A 79 8.36 -8.87 -14.28
CA THR A 79 9.76 -9.08 -13.96
C THR A 79 9.95 -9.16 -12.46
N GLY A 80 8.93 -8.73 -11.70
CA GLY A 80 8.96 -8.84 -10.25
C GLY A 80 8.23 -7.70 -9.54
N LEU A 81 8.32 -7.75 -8.21
CA LEU A 81 7.67 -6.84 -7.28
C LEU A 81 8.69 -6.44 -6.24
N PHE A 82 8.81 -5.14 -5.95
CA PHE A 82 9.81 -4.66 -5.01
C PHE A 82 9.18 -4.16 -3.71
N ARG A 83 9.47 -4.83 -2.59
CA ARG A 83 8.97 -4.47 -1.26
C ARG A 83 7.47 -4.17 -1.29
N TRP A 84 6.71 -5.21 -1.68
CA TRP A 84 5.30 -5.12 -2.01
C TRP A 84 4.39 -5.76 -0.96
N VAL A 85 3.22 -5.13 -0.72
CA VAL A 85 2.19 -5.67 0.16
C VAL A 85 0.91 -5.94 -0.64
N ALA A 86 0.25 -7.05 -0.31
CA ALA A 86 -0.87 -7.58 -1.08
C ALA A 86 -2.13 -6.77 -0.79
N PRO A 87 -3.14 -6.82 -1.69
CA PRO A 87 -4.50 -6.32 -1.41
C PRO A 87 -5.22 -6.79 -0.15
N ASN A 88 -6.11 -5.91 0.36
CA ASN A 88 -6.72 -6.16 1.66
C ASN A 88 -7.37 -7.54 1.64
N ASN A 89 -7.12 -8.34 2.69
CA ASN A 89 -7.77 -9.63 2.94
C ASN A 89 -7.22 -10.75 2.04
N VAL A 90 -6.09 -10.52 1.34
CA VAL A 90 -5.51 -11.57 0.54
C VAL A 90 -4.43 -12.22 1.40
N GLN A 91 -4.43 -13.55 1.45
CA GLN A 91 -3.49 -14.33 2.23
C GLN A 91 -3.53 -15.77 1.75
N GLY A 92 -2.42 -16.48 2.02
CA GLY A 92 -2.27 -17.89 1.72
C GLY A 92 -1.12 -18.17 0.77
N ALA A 93 -1.12 -19.43 0.31
CA ALA A 93 -0.04 -20.00 -0.47
C ALA A 93 0.10 -19.27 -1.81
N ILE A 94 1.35 -18.99 -2.24
CA ILE A 94 1.57 -18.36 -3.54
C ILE A 94 1.77 -19.46 -4.58
N THR A 95 0.95 -19.42 -5.64
CA THR A 95 1.13 -20.18 -6.87
C THR A 95 1.47 -19.22 -8.02
N LEU A 96 2.54 -19.55 -8.76
CA LEU A 96 3.03 -18.80 -9.92
C LEU A 96 2.48 -19.44 -11.19
N ILE A 97 2.01 -18.60 -12.11
CA ILE A 97 1.39 -19.09 -13.34
C ILE A 97 1.83 -18.26 -14.56
N TYR A 98 2.05 -18.96 -15.69
CA TYR A 98 2.24 -18.32 -16.98
C TYR A 98 0.91 -17.81 -17.52
N ASN A 99 0.85 -16.52 -17.93
CA ASN A 99 -0.42 -15.96 -18.40
C ASN A 99 -0.74 -16.39 -19.84
N ASP A 100 -1.76 -17.25 -20.03
CA ASP A 100 -2.24 -17.68 -21.34
C ASP A 100 -3.76 -17.91 -21.25
N VAL A 101 -4.40 -18.26 -22.37
CA VAL A 101 -5.82 -18.56 -22.41
C VAL A 101 -6.05 -20.01 -21.93
N PRO A 102 -7.03 -20.25 -21.03
CA PRO A 102 -7.35 -21.63 -20.60
C PRO A 102 -7.50 -22.60 -21.78
N GLY A 103 -6.90 -23.79 -21.67
CA GLY A 103 -6.98 -24.79 -22.72
C GLY A 103 -5.96 -24.63 -23.85
N THR A 104 -5.09 -23.59 -23.78
CA THR A 104 -4.19 -23.30 -24.89
C THR A 104 -2.74 -23.46 -24.44
N TYR A 105 -2.48 -24.16 -23.32
CA TYR A 105 -1.13 -24.27 -22.77
C TYR A 105 -0.28 -25.33 -23.49
N GLY A 106 -0.89 -26.25 -24.27
CA GLY A 106 -0.14 -27.41 -24.75
C GLY A 106 0.95 -27.06 -25.77
N ASN A 107 0.87 -25.87 -26.38
CA ASN A 107 1.87 -25.47 -27.36
C ASN A 107 2.89 -24.48 -26.78
N ASN A 108 2.91 -24.32 -25.45
CA ASN A 108 3.82 -23.35 -24.86
C ASN A 108 5.18 -23.99 -24.65
N SER A 109 6.23 -23.16 -24.51
CA SER A 109 7.56 -23.68 -24.23
C SER A 109 8.34 -22.65 -23.41
N GLY A 110 9.43 -23.14 -22.82
CA GLY A 110 10.30 -22.36 -21.98
C GLY A 110 9.79 -22.28 -20.54
N SER A 111 10.46 -21.40 -19.77
CA SER A 111 10.23 -21.31 -18.34
C SER A 111 10.78 -19.99 -17.87
N PHE A 112 10.29 -19.57 -16.70
CA PHE A 112 10.88 -18.45 -15.97
C PHE A 112 11.49 -18.95 -14.67
N SER A 113 12.69 -18.43 -14.39
CA SER A 113 13.37 -18.59 -13.12
CA SER A 113 13.32 -18.63 -13.09
C SER A 113 12.92 -17.48 -12.16
N VAL A 114 12.46 -17.86 -10.95
CA VAL A 114 11.85 -16.92 -10.03
C VAL A 114 12.41 -17.10 -8.62
N ASN A 115 12.69 -15.96 -7.96
CA ASN A 115 13.03 -15.92 -6.54
C ASN A 115 12.02 -15.07 -5.79
N ILE A 116 11.57 -15.55 -4.59
CA ILE A 116 10.66 -14.83 -3.73
C ILE A 116 11.23 -14.80 -2.31
N GLY A 117 11.28 -13.61 -1.74
CA GLY A 117 11.72 -13.44 -0.36
C GLY A 117 10.74 -12.58 0.44
N LYS A 118 10.74 -12.79 1.75
CA LYS A 118 10.08 -11.86 2.66
C LYS A 118 11.02 -10.76 3.14
N ASP A 119 10.51 -9.53 3.17
CA ASP A 119 11.29 -8.36 3.56
C ASP A 119 11.01 -7.95 5.00
N GLN A 120 11.79 -6.98 5.47
CA GLN A 120 11.65 -6.45 6.80
C GLN A 120 10.30 -5.77 7.00
N SER A 121 9.78 -5.85 8.23
CA SER A 121 8.55 -5.19 8.60
C SER A 121 8.50 -4.93 10.12
N ALA B 1 -23.74 -1.64 -11.08
CA ALA B 1 -23.31 -1.22 -12.44
C ALA B 1 -23.99 -2.13 -13.46
N TRP B 2 -23.95 -1.67 -14.71
CA TRP B 2 -24.49 -2.43 -15.82
C TRP B 2 -23.48 -2.39 -16.95
N LYS B 3 -23.27 -3.52 -17.63
CA LYS B 3 -22.43 -3.61 -18.81
C LYS B 3 -23.17 -4.44 -19.85
N GLY B 4 -23.18 -3.98 -21.11
CA GLY B 4 -23.87 -4.72 -22.15
C GLY B 4 -23.67 -4.08 -23.52
N GLU B 5 -24.61 -4.39 -24.44
CA GLU B 5 -24.55 -3.89 -25.79
C GLU B 5 -25.93 -3.38 -26.20
N VAL B 6 -25.93 -2.27 -26.99
CA VAL B 6 -27.12 -1.67 -27.55
C VAL B 6 -27.08 -1.94 -29.05
N LEU B 7 -28.06 -2.70 -29.55
CA LEU B 7 -28.10 -3.06 -30.96
C LEU B 7 -28.73 -1.92 -31.76
N ALA B 8 -28.11 -1.61 -32.91
CA ALA B 8 -28.60 -0.56 -33.79
C ALA B 8 -30.00 -0.85 -34.33
N ASN B 9 -30.37 -2.14 -34.47
CA ASN B 9 -31.60 -2.49 -35.17
C ASN B 9 -32.79 -2.69 -34.23
N ASN B 10 -32.63 -2.40 -32.93
CA ASN B 10 -33.73 -2.54 -31.97
C ASN B 10 -34.37 -1.19 -31.63
N GLU B 11 -35.60 -0.95 -32.12
CA GLU B 11 -36.27 0.34 -31.94
C GLU B 11 -36.65 0.57 -30.48
N ALA B 12 -36.85 -0.53 -29.72
CA ALA B 12 -37.26 -0.45 -28.32
C ALA B 12 -36.07 -0.11 -27.43
N GLY B 13 -34.86 -0.38 -27.91
CA GLY B 13 -33.65 -0.16 -27.15
C GLY B 13 -33.50 -1.23 -26.06
N GLN B 14 -32.73 -0.87 -25.02
CA GLN B 14 -32.28 -1.82 -24.02
C GLN B 14 -32.57 -1.26 -22.65
N VAL B 15 -33.49 -1.92 -21.92
CA VAL B 15 -33.79 -1.53 -20.55
C VAL B 15 -32.72 -2.13 -19.63
N THR B 16 -31.98 -1.26 -18.93
CA THR B 16 -30.93 -1.70 -18.05
C THR B 16 -31.48 -1.91 -16.63
N SER B 17 -30.57 -2.34 -15.75
CA SER B 17 -30.82 -2.57 -14.33
C SER B 17 -30.57 -1.32 -13.48
N ILE B 18 -30.20 -0.19 -14.09
CA ILE B 18 -29.88 1.02 -13.36
C ILE B 18 -31.19 1.79 -13.22
N ILE B 19 -31.65 1.95 -11.96
CA ILE B 19 -32.74 2.85 -11.62
C ILE B 19 -32.13 4.16 -11.16
N TYR B 20 -32.40 5.22 -11.92
CA TYR B 20 -31.85 6.54 -11.62
C TYR B 20 -32.79 7.13 -10.56
N ASN B 21 -32.26 7.45 -9.38
CA ASN B 21 -33.06 8.02 -8.30
C ASN B 21 -32.61 9.46 -8.04
N PRO B 22 -33.49 10.33 -7.49
CA PRO B 22 -33.08 11.69 -7.16
C PRO B 22 -31.73 11.75 -6.42
N GLY B 23 -30.85 12.65 -6.89
CA GLY B 23 -29.56 12.84 -6.26
C GLY B 23 -28.46 11.94 -6.83
N ASP B 24 -28.79 10.90 -7.63
CA ASP B 24 -27.74 10.02 -8.15
C ASP B 24 -26.81 10.79 -9.10
N VAL B 25 -25.50 10.41 -9.10
CA VAL B 25 -24.51 10.84 -10.07
C VAL B 25 -24.08 9.60 -10.87
N ILE B 26 -24.14 9.66 -12.22
CA ILE B 26 -23.79 8.50 -13.04
C ILE B 26 -22.67 8.83 -14.04
N THR B 27 -21.93 7.79 -14.43
CA THR B 27 -20.98 7.85 -15.53
C THR B 27 -21.38 6.78 -16.55
N ILE B 28 -21.35 7.17 -17.83
CA ILE B 28 -21.57 6.25 -18.93
C ILE B 28 -20.38 6.35 -19.88
N VAL B 29 -19.88 5.20 -20.35
CA VAL B 29 -18.87 5.16 -21.41
C VAL B 29 -19.34 4.23 -22.52
N ALA B 30 -19.33 4.72 -23.78
CA ALA B 30 -19.81 3.98 -24.94
C ALA B 30 -18.74 3.89 -26.04
N ALA B 31 -18.66 2.73 -26.71
CA ALA B 31 -17.68 2.52 -27.77
C ALA B 31 -18.28 1.69 -28.90
N GLY B 32 -17.55 1.59 -30.04
CA GLY B 32 -17.84 0.67 -31.13
C GLY B 32 -18.45 1.34 -32.35
N TRP B 33 -19.05 0.51 -33.19
CA TRP B 33 -19.31 0.87 -34.58
C TRP B 33 -20.68 0.36 -34.98
N ALA B 34 -21.51 1.26 -35.51
CA ALA B 34 -22.86 0.92 -35.96
C ALA B 34 -23.20 1.67 -37.25
N SER B 35 -24.30 1.21 -37.88
CA SER B 35 -24.86 1.87 -39.05
C SER B 35 -26.39 1.94 -38.97
N TYR B 36 -26.90 3.06 -39.51
CA TYR B 36 -28.31 3.28 -39.76
C TYR B 36 -28.74 2.83 -41.17
N GLY B 37 -27.87 2.13 -41.93
CA GLY B 37 -28.26 1.57 -43.23
C GLY B 37 -27.09 1.42 -44.20
N PRO B 38 -26.30 2.49 -44.48
CA PRO B 38 -25.14 2.39 -45.35
C PRO B 38 -24.04 1.42 -44.89
N THR B 39 -23.12 1.11 -45.82
CA THR B 39 -22.06 0.14 -45.58
C THR B 39 -21.01 0.72 -44.62
N GLN B 40 -20.78 2.05 -44.67
CA GLN B 40 -19.94 2.74 -43.69
C GLN B 40 -20.51 2.54 -42.27
N LYS B 41 -19.65 2.67 -41.24
CA LYS B 41 -20.09 2.64 -39.86
C LYS B 41 -19.63 3.91 -39.14
N TRP B 42 -20.35 4.28 -38.07
CA TRP B 42 -19.99 5.45 -37.29
C TRP B 42 -19.91 5.08 -35.81
N GLY B 43 -19.13 5.87 -35.05
CA GLY B 43 -19.04 5.74 -33.62
C GLY B 43 -20.28 6.25 -32.90
N PRO B 44 -20.25 6.27 -31.55
CA PRO B 44 -21.44 6.66 -30.78
C PRO B 44 -21.95 8.09 -30.88
N GLN B 45 -21.16 8.99 -31.51
CA GLN B 45 -21.65 10.32 -31.83
C GLN B 45 -22.45 10.33 -33.15
N GLY B 46 -22.43 9.24 -33.90
CA GLY B 46 -23.23 9.15 -35.12
C GLY B 46 -22.52 9.88 -36.27
N ASP B 47 -23.32 10.21 -37.31
CA ASP B 47 -22.84 10.77 -38.58
C ASP B 47 -23.16 12.28 -38.65
N ARG B 48 -22.12 13.11 -38.54
CA ARG B 48 -22.30 14.56 -38.46
C ARG B 48 -22.82 15.18 -39.76
N GLU B 49 -22.77 14.44 -40.86
CA GLU B 49 -23.09 14.99 -42.17
C GLU B 49 -24.53 14.67 -42.58
N HIS B 50 -25.20 13.77 -41.88
CA HIS B 50 -26.52 13.30 -42.29
C HIS B 50 -27.57 14.27 -41.74
N PRO B 51 -28.58 14.69 -42.52
CA PRO B 51 -29.67 15.50 -41.96
C PRO B 51 -30.65 14.65 -41.15
N ASP B 52 -31.29 15.34 -40.20
CA ASP B 52 -32.34 14.81 -39.34
C ASP B 52 -33.64 14.73 -40.12
N GLN B 53 -34.11 13.51 -40.43
CA GLN B 53 -35.37 13.34 -41.13
C GLN B 53 -36.47 12.75 -40.22
N GLY B 54 -36.48 13.11 -38.93
CA GLY B 54 -37.46 12.61 -37.98
C GLY B 54 -36.87 11.63 -36.96
N LEU B 55 -35.66 11.93 -36.48
CA LEU B 55 -34.95 11.13 -35.48
C LEU B 55 -35.69 11.17 -34.15
N ILE B 56 -35.52 10.12 -33.33
CA ILE B 56 -36.16 10.08 -32.02
C ILE B 56 -35.53 11.11 -31.07
N CYS B 57 -34.29 11.55 -31.37
CA CYS B 57 -33.64 12.61 -30.60
C CYS B 57 -33.10 13.67 -31.56
N HIS B 58 -33.62 14.89 -31.48
CA HIS B 58 -33.23 15.93 -32.43
C HIS B 58 -31.94 16.62 -31.98
N ASP B 59 -31.48 16.34 -30.76
CA ASP B 59 -30.28 16.96 -30.22
C ASP B 59 -29.04 16.09 -30.34
N ALA B 60 -29.11 15.04 -31.17
CA ALA B 60 -27.95 14.21 -31.48
C ALA B 60 -28.02 13.79 -32.94
N PHE B 61 -26.86 13.41 -33.51
CA PHE B 61 -26.80 12.99 -34.91
C PHE B 61 -27.48 11.64 -35.10
N CYS B 62 -27.93 11.39 -36.33
CA CYS B 62 -28.37 10.05 -36.71
C CYS B 62 -27.25 9.05 -36.43
N GLY B 63 -27.59 7.97 -35.72
CA GLY B 63 -26.62 6.93 -35.43
C GLY B 63 -25.89 7.18 -34.10
N ALA B 64 -26.31 8.18 -33.32
CA ALA B 64 -25.76 8.39 -31.97
C ALA B 64 -26.48 7.54 -30.92
N LEU B 65 -25.79 7.36 -29.78
CA LEU B 65 -26.41 6.74 -28.61
C LEU B 65 -27.20 7.78 -27.82
N VAL B 66 -28.44 7.42 -27.42
CA VAL B 66 -29.27 8.30 -26.59
C VAL B 66 -29.90 7.45 -25.47
N MET B 67 -30.61 8.09 -24.53
CA MET B 67 -31.24 7.32 -23.45
C MET B 67 -32.57 7.95 -23.05
N LYS B 68 -33.38 7.14 -22.35
CA LYS B 68 -34.53 7.60 -21.60
C LYS B 68 -34.38 7.21 -20.13
N ILE B 69 -34.88 8.08 -19.22
CA ILE B 69 -34.96 7.77 -17.80
C ILE B 69 -36.44 7.69 -17.40
N GLY B 70 -36.86 6.49 -17.01
CA GLY B 70 -38.28 6.19 -16.84
C GLY B 70 -39.01 6.48 -18.16
N ASN B 71 -40.09 7.27 -18.07
CA ASN B 71 -40.87 7.63 -19.24
C ASN B 71 -40.36 8.91 -19.93
N SER B 72 -39.20 9.46 -19.55
CA SER B 72 -38.71 10.74 -20.04
C SER B 72 -38.62 10.78 -21.57
N GLY B 73 -38.38 11.99 -22.11
CA GLY B 73 -37.91 12.19 -23.47
C GLY B 73 -36.46 11.77 -23.64
N THR B 74 -36.00 11.66 -24.89
CA THR B 74 -34.64 11.23 -25.18
C THR B 74 -33.66 12.29 -24.67
N ILE B 75 -32.52 11.78 -24.18
CA ILE B 75 -31.39 12.56 -23.70
C ILE B 75 -30.15 12.06 -24.44
N PRO B 76 -29.33 12.95 -25.04
CA PRO B 76 -28.13 12.52 -25.77
C PRO B 76 -27.14 11.86 -24.82
N VAL B 77 -26.51 10.75 -25.26
CA VAL B 77 -25.42 10.12 -24.50
C VAL B 77 -24.12 10.23 -25.30
N ASN B 78 -24.17 9.95 -26.61
CA ASN B 78 -22.99 10.07 -27.46
C ASN B 78 -21.90 9.12 -26.95
N THR B 79 -20.65 9.59 -26.79
CA THR B 79 -19.56 8.74 -26.31
C THR B 79 -19.68 8.46 -24.81
N GLY B 80 -20.50 9.26 -24.08
CA GLY B 80 -20.66 9.04 -22.65
C GLY B 80 -21.00 10.30 -21.84
N LEU B 81 -21.18 10.10 -20.54
CA LEU B 81 -21.53 11.16 -19.61
C LEU B 81 -20.59 11.03 -18.43
N PHE B 82 -20.01 12.16 -18.01
CA PHE B 82 -19.02 12.16 -16.94
C PHE B 82 -19.60 12.79 -15.67
N ARG B 83 -19.87 11.95 -14.64
CA ARG B 83 -20.36 12.40 -13.35
C ARG B 83 -21.59 13.31 -13.51
N TRP B 84 -22.64 12.75 -14.13
CA TRP B 84 -23.78 13.48 -14.63
C TRP B 84 -24.97 13.33 -13.68
N VAL B 85 -25.77 14.42 -13.54
CA VAL B 85 -26.99 14.44 -12.73
C VAL B 85 -28.14 14.84 -13.65
N ALA B 86 -29.30 14.20 -13.45
CA ALA B 86 -30.49 14.42 -14.26
C ALA B 86 -31.20 15.71 -13.85
N PRO B 87 -32.10 16.24 -14.70
CA PRO B 87 -33.04 17.31 -14.31
C PRO B 87 -33.96 16.97 -13.12
N ASN B 88 -34.43 18.02 -12.45
CA ASN B 88 -35.33 17.84 -11.31
C ASN B 88 -36.50 16.94 -11.71
N ASN B 89 -36.88 16.02 -10.81
CA ASN B 89 -38.06 15.17 -10.93
C ASN B 89 -37.99 14.22 -12.13
N VAL B 90 -36.78 13.88 -12.59
CA VAL B 90 -36.58 12.85 -13.59
C VAL B 90 -35.94 11.64 -12.90
N GLN B 91 -36.61 10.47 -12.99
CA GLN B 91 -36.21 9.28 -12.25
C GLN B 91 -36.79 8.05 -12.91
N GLY B 92 -36.14 6.90 -12.66
CA GLY B 92 -36.63 5.61 -13.09
C GLY B 92 -35.57 4.84 -13.88
N ALA B 93 -35.97 3.72 -14.46
CA ALA B 93 -35.07 2.84 -15.20
C ALA B 93 -34.43 3.57 -16.40
N ILE B 94 -33.15 3.32 -16.64
CA ILE B 94 -32.46 3.83 -17.82
C ILE B 94 -32.63 2.84 -18.98
N THR B 95 -33.20 3.34 -20.08
CA THR B 95 -33.24 2.67 -21.38
C THR B 95 -32.26 3.33 -22.35
N LEU B 96 -31.36 2.54 -22.94
CA LEU B 96 -30.42 2.96 -23.97
C LEU B 96 -30.99 2.66 -25.36
N ILE B 97 -30.88 3.63 -26.27
CA ILE B 97 -31.48 3.53 -27.60
C ILE B 97 -30.52 4.09 -28.66
N TYR B 98 -30.46 3.44 -29.85
CA TYR B 98 -29.83 4.00 -31.04
C TYR B 98 -30.74 5.03 -31.70
N ASN B 99 -30.14 6.15 -32.16
CA ASN B 99 -30.90 7.26 -32.73
C ASN B 99 -31.11 6.98 -34.21
N ASP B 100 -32.37 6.66 -34.58
CA ASP B 100 -32.79 6.56 -35.97
C ASP B 100 -34.23 7.08 -36.07
N VAL B 101 -34.77 7.06 -37.29
CA VAL B 101 -36.14 7.48 -37.54
C VAL B 101 -37.06 6.28 -37.30
N PRO B 102 -38.17 6.46 -36.56
CA PRO B 102 -39.12 5.38 -36.30
C PRO B 102 -39.56 4.72 -37.62
N GLY B 103 -39.55 3.39 -37.64
CA GLY B 103 -39.91 2.60 -38.81
C GLY B 103 -38.69 2.18 -39.64
N THR B 104 -37.52 2.80 -39.40
CA THR B 104 -36.39 2.60 -40.29
C THR B 104 -35.27 1.80 -39.61
N TYR B 105 -35.58 1.13 -38.49
CA TYR B 105 -34.56 0.40 -37.74
C TYR B 105 -34.21 -0.92 -38.42
N GLY B 106 -35.09 -1.42 -39.30
CA GLY B 106 -34.93 -2.74 -39.89
C GLY B 106 -33.62 -2.95 -40.64
N ASN B 107 -32.99 -1.89 -41.20
CA ASN B 107 -31.83 -2.06 -42.06
C ASN B 107 -30.53 -1.69 -41.32
N ASN B 108 -30.59 -1.56 -39.99
CA ASN B 108 -29.43 -1.12 -39.21
C ASN B 108 -28.51 -2.30 -38.93
N SER B 109 -27.28 -2.03 -38.51
CA SER B 109 -26.33 -3.08 -38.19
C SER B 109 -25.32 -2.54 -37.19
N GLY B 110 -24.70 -3.47 -36.46
CA GLY B 110 -23.69 -3.11 -35.48
C GLY B 110 -24.30 -2.81 -34.12
N SER B 111 -23.41 -2.45 -33.18
CA SER B 111 -23.87 -2.19 -31.84
C SER B 111 -22.83 -1.32 -31.14
N PHE B 112 -23.23 -0.76 -30.00
CA PHE B 112 -22.28 -0.12 -29.11
C PHE B 112 -22.16 -0.90 -27.79
N SER B 113 -20.92 -0.96 -27.31
CA SER B 113 -20.59 -1.48 -25.99
CA SER B 113 -20.60 -1.48 -25.98
C SER B 113 -20.71 -0.35 -24.97
N VAL B 114 -21.44 -0.59 -23.88
CA VAL B 114 -21.76 0.46 -22.91
C VAL B 114 -21.58 -0.02 -21.47
N ASN B 115 -20.92 0.82 -20.66
CA ASN B 115 -20.87 0.66 -19.21
C ASN B 115 -21.60 1.85 -18.57
N ILE B 116 -22.41 1.56 -17.54
CA ILE B 116 -23.03 2.55 -16.67
C ILE B 116 -22.77 2.21 -15.21
N GLY B 117 -22.34 3.24 -14.46
CA GLY B 117 -22.14 3.09 -13.04
C GLY B 117 -22.68 4.26 -12.24
N LYS B 118 -23.03 4.03 -10.98
CA LYS B 118 -23.34 5.12 -10.07
C LYS B 118 -22.07 5.57 -9.38
N ASP B 119 -21.91 6.89 -9.24
CA ASP B 119 -20.69 7.47 -8.70
C ASP B 119 -20.93 7.94 -7.27
N GLN B 120 -19.86 8.36 -6.58
CA GLN B 120 -20.03 8.95 -5.26
CA GLN B 120 -19.97 8.99 -5.28
C GLN B 120 -20.92 10.19 -5.37
N SER B 121 -21.75 10.40 -4.33
CA SER B 121 -22.68 11.50 -4.27
C SER B 121 -23.07 11.86 -2.83
N ALA C 1 -10.30 16.29 -10.71
CA ALA C 1 -10.63 15.98 -12.12
C ALA C 1 -10.00 17.04 -13.02
N TRP C 2 -9.76 16.67 -14.28
CA TRP C 2 -9.24 17.55 -15.29
C TRP C 2 -10.20 17.52 -16.47
N LYS C 3 -10.61 18.73 -16.89
CA LYS C 3 -11.52 18.88 -18.00
C LYS C 3 -10.84 19.84 -18.99
N GLY C 4 -10.52 19.32 -20.18
CA GLY C 4 -9.76 20.07 -21.15
C GLY C 4 -9.94 19.51 -22.56
N GLU C 5 -8.92 19.73 -23.40
CA GLU C 5 -8.91 19.26 -24.78
C GLU C 5 -7.51 18.95 -25.29
N VAL C 6 -7.44 18.25 -26.42
CA VAL C 6 -6.19 18.03 -27.13
C VAL C 6 -6.44 18.34 -28.61
N LEU C 7 -5.51 19.11 -29.19
CA LEU C 7 -5.60 19.53 -30.57
CA LEU C 7 -5.54 19.56 -30.58
C LEU C 7 -4.96 18.49 -31.49
N ALA C 8 -5.65 18.24 -32.61
CA ALA C 8 -5.20 17.28 -33.59
C ALA C 8 -3.84 17.68 -34.18
N ASN C 9 -3.56 18.99 -34.25
CA ASN C 9 -2.38 19.45 -34.97
C ASN C 9 -1.14 19.60 -34.08
N ASN C 10 -1.21 19.10 -32.83
CA ASN C 10 -0.11 19.28 -31.91
C ASN C 10 0.59 17.94 -31.71
N GLU C 11 1.77 17.81 -32.31
CA GLU C 11 2.50 16.56 -32.28
C GLU C 11 2.87 16.19 -30.84
N ALA C 12 3.04 17.18 -29.96
CA ALA C 12 3.46 16.91 -28.58
C ALA C 12 2.27 16.55 -27.68
N GLY C 13 1.03 16.77 -28.15
CA GLY C 13 -0.16 16.42 -27.39
C GLY C 13 -0.50 17.48 -26.33
N GLN C 14 -1.20 17.06 -25.28
CA GLN C 14 -1.53 17.95 -24.19
C GLN C 14 -1.19 17.24 -22.89
N VAL C 15 -0.24 17.78 -22.12
CA VAL C 15 0.03 17.29 -20.78
C VAL C 15 -1.11 17.73 -19.86
N THR C 16 -1.71 16.79 -19.11
CA THR C 16 -2.77 17.08 -18.15
C THR C 16 -2.13 17.24 -16.77
N SER C 17 -2.96 17.67 -15.81
CA SER C 17 -2.61 17.72 -14.39
C SER C 17 -2.79 16.39 -13.66
N ILE C 18 -3.19 15.30 -14.35
CA ILE C 18 -3.45 14.04 -13.66
C ILE C 18 -2.15 13.25 -13.61
N ILE C 19 -1.71 12.97 -12.39
CA ILE C 19 -0.57 12.10 -12.17
C ILE C 19 -1.11 10.71 -11.79
N TYR C 20 -0.95 9.72 -12.69
CA TYR C 20 -1.39 8.36 -12.42
C TYR C 20 -0.39 7.71 -11.44
N ASN C 21 -0.88 7.30 -10.27
CA ASN C 21 -0.08 6.62 -9.24
C ASN C 21 -0.49 5.14 -9.13
N PRO C 22 0.40 4.23 -8.69
CA PRO C 22 0.02 2.82 -8.53
C PRO C 22 -1.24 2.64 -7.69
N GLY C 23 -2.14 1.77 -8.18
CA GLY C 23 -3.40 1.49 -7.53
C GLY C 23 -4.55 2.37 -8.00
N ASP C 24 -4.25 3.47 -8.68
CA ASP C 24 -5.31 4.43 -9.05
C ASP C 24 -6.29 3.75 -10.01
N VAL C 25 -7.59 4.03 -9.82
CA VAL C 25 -8.64 3.73 -10.79
C VAL C 25 -9.08 5.03 -11.46
N ILE C 26 -9.17 5.07 -12.80
CA ILE C 26 -9.53 6.33 -13.47
C ILE C 26 -10.69 6.11 -14.46
N THR C 27 -11.40 7.20 -14.71
CA THR C 27 -12.40 7.25 -15.76
C THR C 27 -12.03 8.40 -16.70
N ILE C 28 -12.12 8.12 -18.02
CA ILE C 28 -12.00 9.15 -19.04
C ILE C 28 -13.20 9.06 -19.97
N VAL C 29 -13.76 10.23 -20.30
CA VAL C 29 -14.73 10.39 -21.37
C VAL C 29 -14.21 11.42 -22.38
N ALA C 30 -14.20 11.05 -23.68
CA ALA C 30 -13.74 11.92 -24.75
C ALA C 30 -14.85 12.13 -25.79
N ALA C 31 -14.91 13.35 -26.36
CA ALA C 31 -15.88 13.67 -27.39
C ALA C 31 -15.24 14.62 -28.42
N GLY C 32 -15.92 14.81 -29.55
CA GLY C 32 -15.54 15.82 -30.54
C GLY C 32 -15.14 15.22 -31.89
N TRP C 33 -14.60 16.10 -32.73
CA TRP C 33 -14.36 15.87 -34.16
C TRP C 33 -13.01 16.45 -34.58
N ALA C 34 -12.24 15.59 -35.26
CA ALA C 34 -10.90 15.94 -35.71
C ALA C 34 -10.56 15.28 -37.05
N SER C 35 -9.59 15.86 -37.77
CA SER C 35 -9.05 15.27 -39.01
C SER C 35 -7.52 15.24 -39.02
N TYR C 36 -6.94 14.24 -39.72
CA TYR C 36 -5.52 14.09 -39.93
C TYR C 36 -5.08 14.58 -41.32
N GLY C 37 -6.03 15.25 -42.02
CA GLY C 37 -5.68 15.98 -43.23
C GLY C 37 -6.89 16.15 -44.14
N PRO C 38 -7.64 15.07 -44.44
CA PRO C 38 -8.85 15.13 -45.27
C PRO C 38 -9.93 16.09 -44.78
N THR C 39 -10.90 16.39 -45.66
CA THR C 39 -11.96 17.34 -45.36
C THR C 39 -12.98 16.75 -44.38
N GLN C 40 -13.17 15.42 -44.39
CA GLN C 40 -13.99 14.72 -43.39
C GLN C 40 -13.36 14.79 -42.00
N LYS C 41 -14.19 14.68 -40.97
CA LYS C 41 -13.71 14.58 -39.60
C LYS C 41 -14.21 13.30 -38.96
N TRP C 42 -13.43 12.77 -37.99
CA TRP C 42 -13.75 11.53 -37.26
C TRP C 42 -13.79 11.78 -35.75
N GLY C 43 -14.47 10.88 -35.03
CA GLY C 43 -14.60 10.93 -33.57
C GLY C 43 -13.36 10.31 -32.92
N PRO C 44 -13.37 10.21 -31.56
CA PRO C 44 -12.25 9.73 -30.77
C PRO C 44 -11.73 8.32 -31.09
N GLN C 45 -12.53 7.50 -31.79
CA GLN C 45 -12.02 6.22 -32.29
C GLN C 45 -11.27 6.28 -33.62
N GLY C 46 -11.27 7.46 -34.27
CA GLY C 46 -10.51 7.68 -35.50
C GLY C 46 -11.21 7.07 -36.72
N ASP C 47 -10.42 6.79 -37.75
CA ASP C 47 -10.93 6.37 -39.05
C ASP C 47 -10.61 4.89 -39.25
N ARG C 48 -11.63 4.05 -39.22
CA ARG C 48 -11.41 2.61 -39.23
C ARG C 48 -10.91 2.12 -40.60
N GLU C 49 -10.95 2.97 -41.64
CA GLU C 49 -10.65 2.54 -43.00
C GLU C 49 -9.24 2.89 -43.44
N HIS C 50 -8.53 3.73 -42.70
CA HIS C 50 -7.25 4.27 -43.12
C HIS C 50 -6.13 3.32 -42.68
N PRO C 51 -5.18 2.94 -43.56
CA PRO C 51 -4.09 2.06 -43.15
C PRO C 51 -3.16 2.78 -42.18
N ASP C 52 -2.34 2.00 -41.48
CA ASP C 52 -1.29 2.52 -40.61
C ASP C 52 -0.06 2.79 -41.47
N GLN C 53 0.34 4.07 -41.56
CA GLN C 53 1.51 4.49 -42.31
C GLN C 53 2.64 4.92 -41.38
N GLY C 54 2.67 4.36 -40.16
CA GLY C 54 3.70 4.69 -39.19
C GLY C 54 3.17 5.56 -38.05
N LEU C 55 2.01 5.18 -37.49
CA LEU C 55 1.31 5.87 -36.41
C LEU C 55 2.08 5.77 -35.10
N ILE C 56 1.97 6.79 -34.22
CA ILE C 56 2.60 6.72 -32.90
C ILE C 56 2.04 5.56 -32.06
N CYS C 57 0.82 5.06 -32.38
CA CYS C 57 0.18 3.97 -31.64
C CYS C 57 -0.42 3.01 -32.65
N HIS C 58 0.14 1.79 -32.70
CA HIS C 58 -0.25 0.80 -33.70
C HIS C 58 -1.52 0.08 -33.30
N ASP C 59 -1.99 0.25 -32.05
CA ASP C 59 -3.16 -0.45 -31.52
C ASP C 59 -4.41 0.43 -31.53
N ALA C 60 -4.31 1.60 -32.20
CA ALA C 60 -5.49 2.41 -32.46
C ALA C 60 -5.49 2.92 -33.91
N PHE C 61 -6.67 3.27 -34.41
CA PHE C 61 -6.83 3.86 -35.73
C PHE C 61 -6.17 5.26 -35.83
N CYS C 62 -5.82 5.60 -37.08
CA CYS C 62 -5.37 6.94 -37.42
C CYS C 62 -6.50 7.90 -37.07
N GLY C 63 -6.16 8.97 -36.34
CA GLY C 63 -7.17 9.92 -35.90
C GLY C 63 -7.85 9.56 -34.56
N ALA C 64 -7.34 8.57 -33.83
CA ALA C 64 -7.91 8.20 -32.55
C ALA C 64 -7.20 8.93 -31.41
N LEU C 65 -7.86 9.02 -30.27
CA LEU C 65 -7.28 9.57 -29.05
C LEU C 65 -6.41 8.49 -28.39
N VAL C 66 -5.16 8.84 -28.10
CA VAL C 66 -4.29 7.95 -27.34
C VAL C 66 -3.66 8.72 -26.19
N MET C 67 -2.89 8.02 -25.35
CA MET C 67 -2.22 8.66 -24.23
C MET C 67 -0.87 8.00 -23.95
N LYS C 68 -0.04 8.77 -23.24
CA LYS C 68 1.15 8.27 -22.56
C LYS C 68 1.02 8.60 -21.07
N ILE C 69 1.53 7.68 -20.24
CA ILE C 69 1.56 7.87 -18.79
C ILE C 69 3.03 7.86 -18.39
N GLY C 70 3.58 9.01 -17.96
CA GLY C 70 5.01 9.08 -17.63
C GLY C 70 5.85 8.61 -18.81
N ASN C 71 6.75 7.65 -18.56
CA ASN C 71 7.70 7.15 -19.55
C ASN C 71 7.10 6.06 -20.46
N SER C 72 5.77 5.91 -20.50
CA SER C 72 5.17 4.76 -21.18
C SER C 72 5.16 4.97 -22.69
N GLY C 73 4.96 3.88 -23.41
CA GLY C 73 4.53 3.93 -24.80
C GLY C 73 3.07 4.35 -24.85
N THR C 74 2.59 4.56 -26.06
CA THR C 74 1.22 5.00 -26.26
C THR C 74 0.27 3.88 -25.88
N ILE C 75 -0.88 4.28 -25.32
CA ILE C 75 -1.94 3.41 -24.87
C ILE C 75 -3.22 4.00 -25.45
N PRO C 76 -4.07 3.20 -26.13
CA PRO C 76 -5.31 3.73 -26.68
C PRO C 76 -6.29 4.21 -25.62
N VAL C 77 -6.99 5.30 -25.93
CA VAL C 77 -8.08 5.77 -25.10
C VAL C 77 -9.41 5.69 -25.84
N ASN C 78 -9.42 6.08 -27.12
CA ASN C 78 -10.64 6.06 -27.92
C ASN C 78 -11.69 6.95 -27.26
N THR C 79 -12.96 6.47 -27.13
CA THR C 79 -14.04 7.26 -26.54
C THR C 79 -13.85 7.42 -25.04
N GLY C 80 -12.99 6.60 -24.44
CA GLY C 80 -12.86 6.67 -22.99
C GLY C 80 -12.53 5.34 -22.33
N LEU C 81 -12.36 5.41 -21.01
CA LEU C 81 -12.01 4.29 -20.16
C LEU C 81 -12.89 4.34 -18.91
N PHE C 82 -13.42 3.17 -18.52
CA PHE C 82 -14.41 3.06 -17.45
C PHE C 82 -13.79 2.31 -16.27
N ARG C 83 -13.47 3.05 -15.21
CA ARG C 83 -12.96 2.47 -13.96
C ARG C 83 -11.76 1.57 -14.27
N TRP C 84 -10.75 2.19 -14.91
CA TRP C 84 -9.59 1.54 -15.51
C TRP C 84 -8.38 1.62 -14.61
N VAL C 85 -7.62 0.51 -14.56
CA VAL C 85 -6.32 0.45 -13.89
C VAL C 85 -5.22 0.21 -14.95
N ALA C 86 -4.07 0.91 -14.78
CA ALA C 86 -2.94 0.86 -15.68
C ALA C 86 -2.19 -0.47 -15.50
N PRO C 87 -1.38 -0.91 -16.49
CA PRO C 87 -0.49 -2.05 -16.28
C PRO C 87 0.44 -1.72 -15.11
N ASN C 88 1.03 -2.76 -14.53
CA ASN C 88 2.09 -2.54 -13.53
C ASN C 88 3.28 -1.84 -14.23
N ASN C 89 4.04 -1.08 -13.45
CA ASN C 89 5.24 -0.39 -13.91
C ASN C 89 4.91 0.82 -14.80
N VAL C 90 3.66 1.30 -14.75
CA VAL C 90 3.29 2.49 -15.50
C VAL C 90 2.72 3.51 -14.52
N GLN C 91 3.37 4.67 -14.48
CA GLN C 91 2.96 5.77 -13.63
C GLN C 91 3.48 7.12 -14.14
N GLY C 92 2.86 8.19 -13.64
CA GLY C 92 3.30 9.56 -13.89
C GLY C 92 2.23 10.39 -14.59
N ALA C 93 2.65 11.52 -15.16
CA ALA C 93 1.70 12.46 -15.73
C ALA C 93 1.03 11.85 -16.97
N ILE C 94 -0.28 12.07 -17.11
CA ILE C 94 -1.02 11.68 -18.32
C ILE C 94 -0.89 12.78 -19.39
N THR C 95 -0.37 12.38 -20.58
CA THR C 95 -0.34 13.23 -21.78
C THR C 95 -1.30 12.61 -22.79
N LEU C 96 -2.24 13.41 -23.27
CA LEU C 96 -3.18 13.05 -24.33
C LEU C 96 -2.58 13.43 -25.69
N ILE C 97 -2.76 12.56 -26.69
CA ILE C 97 -2.22 12.79 -28.02
C ILE C 97 -3.16 12.28 -29.11
N TYR C 98 -3.20 13.02 -30.25
CA TYR C 98 -3.90 12.59 -31.45
C TYR C 98 -3.04 11.57 -32.20
N ASN C 99 -3.64 10.47 -32.68
CA ASN C 99 -2.83 9.43 -33.32
C ASN C 99 -2.59 9.84 -34.77
N ASP C 100 -1.36 10.24 -35.12
CA ASP C 100 -0.96 10.49 -36.52
C ASP C 100 0.49 10.04 -36.70
N VAL C 101 1.01 10.15 -37.95
CA VAL C 101 2.39 9.79 -38.27
C VAL C 101 3.32 10.94 -37.91
N PRO C 102 4.47 10.73 -37.21
CA PRO C 102 5.36 11.84 -36.87
C PRO C 102 5.72 12.65 -38.10
N GLY C 103 5.73 13.97 -37.91
CA GLY C 103 6.12 14.89 -38.97
C GLY C 103 4.96 15.27 -39.87
N THR C 104 3.75 14.70 -39.63
CA THR C 104 2.61 14.94 -40.50
C THR C 104 1.46 15.62 -39.76
N TYR C 105 1.73 16.25 -38.62
CA TYR C 105 0.65 16.86 -37.87
C TYR C 105 0.28 18.25 -38.40
N GLY C 106 1.10 18.87 -39.26
CA GLY C 106 0.86 20.26 -39.66
C GLY C 106 -0.46 20.47 -40.40
N ASN C 107 -0.97 19.45 -41.08
CA ASN C 107 -2.20 19.57 -41.86
C ASN C 107 -3.44 19.10 -41.10
N ASN C 108 -3.36 18.90 -39.77
CA ASN C 108 -4.49 18.39 -39.00
C ASN C 108 -5.39 19.54 -38.54
N SER C 109 -6.64 19.18 -38.18
CA SER C 109 -7.64 20.14 -37.73
C SER C 109 -8.60 19.52 -36.70
N GLY C 110 -9.18 20.40 -35.87
CA GLY C 110 -10.16 20.01 -34.87
C GLY C 110 -9.50 19.57 -33.58
N SER C 111 -10.30 18.98 -32.67
CA SER C 111 -9.84 18.63 -31.32
C SER C 111 -10.79 17.62 -30.66
N PHE C 112 -10.32 16.96 -29.59
CA PHE C 112 -11.24 16.22 -28.71
C PHE C 112 -11.32 16.92 -27.35
N SER C 113 -12.53 17.01 -26.79
CA SER C 113 -12.77 17.39 -25.41
CA SER C 113 -12.73 17.40 -25.40
C SER C 113 -12.62 16.16 -24.52
N VAL C 114 -11.90 16.29 -23.40
CA VAL C 114 -11.55 15.13 -22.61
C VAL C 114 -11.75 15.45 -21.12
N ASN C 115 -12.44 14.54 -20.42
CA ASN C 115 -12.65 14.60 -18.98
CA ASN C 115 -12.61 14.62 -18.98
C ASN C 115 -11.93 13.42 -18.34
N ILE C 116 -11.07 13.66 -17.34
CA ILE C 116 -10.38 12.63 -16.57
C ILE C 116 -10.62 12.84 -15.08
N GLY C 117 -10.98 11.75 -14.39
CA GLY C 117 -11.18 11.73 -12.95
C GLY C 117 -10.61 10.47 -12.33
N LYS C 118 -10.26 10.53 -11.03
CA LYS C 118 -9.96 9.35 -10.25
C LYS C 118 -11.22 8.87 -9.55
N ASP C 119 -11.34 7.55 -9.44
CA ASP C 119 -12.48 6.86 -8.89
C ASP C 119 -12.09 6.29 -7.51
N GLN C 120 -13.12 5.87 -6.78
CA GLN C 120 -12.99 5.12 -5.54
C GLN C 120 -12.10 3.91 -5.71
N SER C 121 -11.28 3.62 -4.67
CA SER C 121 -10.38 2.47 -4.63
C SER C 121 -10.00 2.11 -3.17
N ALA D 1 -31.15 -12.17 4.88
CA ALA D 1 -31.55 -12.71 3.54
C ALA D 1 -31.59 -11.59 2.49
N TRP D 2 -31.72 -11.99 1.24
CA TRP D 2 -31.75 -11.08 0.11
C TRP D 2 -32.73 -11.60 -0.92
N LYS D 3 -33.54 -10.68 -1.46
CA LYS D 3 -34.38 -10.97 -2.61
C LYS D 3 -34.12 -9.94 -3.73
N GLY D 4 -34.11 -10.39 -4.99
CA GLY D 4 -33.94 -9.46 -6.09
C GLY D 4 -34.01 -10.14 -7.45
N GLU D 5 -33.61 -9.39 -8.48
CA GLU D 5 -33.75 -9.83 -9.86
C GLU D 5 -32.40 -9.72 -10.56
N VAL D 6 -32.17 -10.59 -11.53
CA VAL D 6 -30.95 -10.64 -12.37
CA VAL D 6 -30.98 -10.50 -12.37
C VAL D 6 -31.41 -10.49 -13.83
N LEU D 7 -30.95 -9.45 -14.54
CA LEU D 7 -31.30 -9.23 -15.94
C LEU D 7 -30.41 -10.09 -16.84
N ALA D 8 -31.01 -10.73 -17.83
CA ALA D 8 -30.33 -11.49 -18.87
C ALA D 8 -29.39 -10.61 -19.71
N ASN D 9 -29.65 -9.30 -19.81
CA ASN D 9 -28.85 -8.42 -20.66
C ASN D 9 -27.62 -7.81 -19.98
N ASN D 10 -27.30 -8.17 -18.72
CA ASN D 10 -26.30 -7.46 -17.94
C ASN D 10 -25.07 -8.33 -17.75
N GLU D 11 -23.99 -8.04 -18.50
CA GLU D 11 -22.75 -8.79 -18.45
C GLU D 11 -22.06 -8.65 -17.10
N ALA D 12 -22.34 -7.54 -16.39
CA ALA D 12 -21.74 -7.31 -15.05
C ALA D 12 -22.48 -8.06 -13.94
N GLY D 13 -23.71 -8.50 -14.20
CA GLY D 13 -24.50 -9.24 -13.20
C GLY D 13 -25.10 -8.33 -12.12
N GLN D 14 -25.69 -8.95 -11.10
CA GLN D 14 -26.30 -8.27 -9.98
C GLN D 14 -25.55 -8.63 -8.72
N VAL D 15 -24.96 -7.63 -8.06
CA VAL D 15 -24.34 -7.84 -6.76
CA VAL D 15 -24.34 -7.80 -6.75
C VAL D 15 -25.43 -7.92 -5.69
N THR D 16 -25.27 -8.82 -4.71
CA THR D 16 -26.20 -8.94 -3.59
C THR D 16 -25.55 -8.41 -2.32
N SER D 17 -26.36 -8.35 -1.23
CA SER D 17 -25.89 -8.00 0.11
C SER D 17 -25.41 -9.22 0.91
N ILE D 18 -25.34 -10.40 0.29
CA ILE D 18 -24.91 -11.60 0.98
C ILE D 18 -23.39 -11.75 0.83
N ILE D 19 -22.67 -11.71 1.97
CA ILE D 19 -21.26 -12.02 2.00
C ILE D 19 -21.12 -13.48 2.45
N TYR D 20 -20.67 -14.33 1.53
CA TYR D 20 -20.35 -15.71 1.86
C TYR D 20 -19.03 -15.81 2.62
N ASN D 21 -19.06 -16.44 3.80
CA ASN D 21 -17.87 -16.65 4.62
C ASN D 21 -17.59 -18.14 4.73
N PRO D 22 -16.32 -18.53 4.96
CA PRO D 22 -16.00 -19.95 5.13
C PRO D 22 -16.90 -20.61 6.16
N GLY D 23 -17.45 -21.78 5.79
CA GLY D 23 -18.29 -22.58 6.66
C GLY D 23 -19.78 -22.28 6.52
N ASP D 24 -20.13 -21.18 5.85
CA ASP D 24 -21.53 -20.78 5.74
C ASP D 24 -22.31 -21.84 4.94
N VAL D 25 -23.55 -22.06 5.34
CA VAL D 25 -24.50 -22.88 4.61
C VAL D 25 -25.56 -21.93 4.05
N ILE D 26 -25.82 -21.98 2.73
CA ILE D 26 -26.81 -21.08 2.15
C ILE D 26 -27.87 -21.87 1.37
N THR D 27 -29.01 -21.22 1.19
CA THR D 27 -30.05 -21.74 0.31
C THR D 27 -30.43 -20.64 -0.70
N ILE D 28 -30.52 -21.03 -1.98
CA ILE D 28 -30.89 -20.12 -3.04
C ILE D 28 -32.07 -20.79 -3.75
N VAL D 29 -33.10 -19.99 -4.04
CA VAL D 29 -34.20 -20.41 -4.90
C VAL D 29 -34.33 -19.37 -6.02
N ALA D 30 -34.37 -19.83 -7.30
CA ALA D 30 -34.46 -18.98 -8.47
C ALA D 30 -35.65 -19.38 -9.35
N ALA D 31 -36.31 -18.38 -9.92
CA ALA D 31 -37.46 -18.57 -10.78
C ALA D 31 -37.46 -17.53 -11.91
N GLY D 32 -38.35 -17.73 -12.87
CA GLY D 32 -38.56 -16.79 -13.95
C GLY D 32 -38.12 -17.28 -15.33
N TRP D 33 -38.14 -16.35 -16.29
CA TRP D 33 -37.98 -16.67 -17.71
C TRP D 33 -37.03 -15.67 -18.38
N ALA D 34 -36.08 -16.21 -19.16
CA ALA D 34 -35.11 -15.39 -19.89
C ALA D 34 -34.69 -16.01 -21.21
N SER D 35 -34.11 -15.16 -22.09
CA SER D 35 -33.61 -15.58 -23.39
C SER D 35 -32.24 -15.00 -23.70
N TYR D 36 -31.36 -15.80 -24.34
CA TYR D 36 -30.04 -15.35 -24.82
C TYR D 36 -30.10 -14.88 -26.29
N GLY D 37 -31.30 -14.80 -26.88
CA GLY D 37 -31.48 -14.26 -28.24
C GLY D 37 -32.79 -14.72 -28.90
N PRO D 38 -33.07 -16.05 -28.93
CA PRO D 38 -34.31 -16.60 -29.51
C PRO D 38 -35.63 -16.12 -28.92
N THR D 39 -36.73 -16.22 -29.67
CA THR D 39 -38.02 -15.77 -29.14
C THR D 39 -38.45 -16.65 -27.95
N GLN D 40 -38.00 -17.91 -27.91
CA GLN D 40 -38.33 -18.78 -26.79
C GLN D 40 -37.66 -18.25 -25.51
N LYS D 41 -38.24 -18.54 -24.35
CA LYS D 41 -37.58 -18.24 -23.07
C LYS D 41 -37.38 -19.54 -22.31
N TRP D 42 -36.29 -19.61 -21.52
CA TRP D 42 -35.99 -20.74 -20.65
C TRP D 42 -35.98 -20.31 -19.19
N GLY D 43 -36.13 -21.30 -18.32
CA GLY D 43 -35.98 -21.10 -16.88
C GLY D 43 -34.49 -21.06 -16.50
N PRO D 44 -34.21 -21.00 -15.19
CA PRO D 44 -32.84 -20.79 -14.74
C PRO D 44 -31.83 -21.91 -14.92
N GLN D 45 -32.27 -23.06 -15.42
CA GLN D 45 -31.29 -24.05 -15.88
C GLN D 45 -30.82 -23.79 -17.31
N GLY D 46 -31.44 -22.87 -18.06
CA GLY D 46 -31.05 -22.57 -19.41
C GLY D 46 -31.59 -23.57 -20.43
N ASP D 47 -30.91 -23.58 -21.59
CA ASP D 47 -31.26 -24.38 -22.77
C ASP D 47 -30.33 -25.58 -22.88
N ARG D 48 -30.83 -26.78 -22.53
CA ARG D 48 -30.00 -27.97 -22.54
C ARG D 48 -29.55 -28.37 -23.96
N GLU D 49 -30.14 -27.80 -25.03
CA GLU D 49 -29.86 -28.24 -26.40
C GLU D 49 -28.86 -27.32 -27.13
N HIS D 50 -28.40 -26.24 -26.50
CA HIS D 50 -27.57 -25.25 -27.17
C HIS D 50 -26.09 -25.49 -26.87
N PRO D 51 -25.19 -25.48 -27.89
CA PRO D 51 -23.77 -25.71 -27.65
C PRO D 51 -23.11 -24.51 -26.94
N ASP D 52 -21.97 -24.77 -26.29
CA ASP D 52 -21.17 -23.76 -25.61
C ASP D 52 -20.19 -23.13 -26.61
N GLN D 53 -20.40 -21.84 -26.96
CA GLN D 53 -19.58 -21.15 -27.96
C GLN D 53 -18.74 -20.07 -27.29
N GLY D 54 -18.37 -20.29 -26.02
CA GLY D 54 -17.55 -19.37 -25.25
C GLY D 54 -18.31 -18.74 -24.07
N LEU D 55 -19.12 -19.54 -23.35
CA LEU D 55 -19.88 -19.05 -22.19
C LEU D 55 -18.97 -18.65 -21.03
N ILE D 56 -19.44 -17.70 -20.17
CA ILE D 56 -18.72 -17.36 -18.95
C ILE D 56 -18.65 -18.51 -17.94
N CYS D 57 -19.59 -19.47 -18.00
CA CYS D 57 -19.50 -20.67 -17.17
C CYS D 57 -19.66 -21.89 -18.07
N HIS D 58 -18.60 -22.72 -18.12
CA HIS D 58 -18.62 -23.89 -19.00
C HIS D 58 -19.31 -25.09 -18.33
N ASP D 59 -19.77 -24.95 -17.08
CA ASP D 59 -20.38 -26.05 -16.33
C ASP D 59 -21.89 -25.83 -16.14
N ALA D 60 -22.48 -24.92 -16.93
CA ALA D 60 -23.92 -24.80 -17.01
C ALA D 60 -24.29 -24.42 -18.43
N PHE D 61 -25.58 -24.59 -18.78
CA PHE D 61 -26.08 -24.32 -20.11
C PHE D 61 -26.18 -22.82 -20.36
N CYS D 62 -26.16 -22.49 -21.65
CA CYS D 62 -26.47 -21.16 -22.11
C CYS D 62 -27.85 -20.78 -21.57
N GLY D 63 -27.97 -19.61 -20.95
CA GLY D 63 -29.24 -19.17 -20.42
C GLY D 63 -29.43 -19.56 -18.96
N ALA D 64 -28.45 -20.26 -18.33
CA ALA D 64 -28.55 -20.58 -16.90
C ALA D 64 -28.13 -19.43 -16.01
N LEU D 65 -28.59 -19.53 -14.75
CA LEU D 65 -28.16 -18.68 -13.66
C LEU D 65 -26.87 -19.23 -13.06
N VAL D 66 -25.85 -18.37 -12.89
CA VAL D 66 -24.58 -18.72 -12.27
C VAL D 66 -24.21 -17.59 -11.33
N MET D 67 -23.15 -17.78 -10.56
CA MET D 67 -22.73 -16.77 -9.62
C MET D 67 -21.20 -16.71 -9.54
N LYS D 68 -20.72 -15.61 -8.93
CA LYS D 68 -19.37 -15.57 -8.40
C LYS D 68 -19.43 -15.19 -6.93
N ILE D 69 -18.47 -15.69 -6.17
CA ILE D 69 -18.32 -15.35 -4.74
C ILE D 69 -16.97 -14.64 -4.62
N GLY D 70 -16.97 -13.32 -4.35
CA GLY D 70 -15.70 -12.58 -4.40
C GLY D 70 -15.07 -12.63 -5.79
N ASN D 71 -13.77 -12.89 -5.92
CA ASN D 71 -13.26 -13.06 -7.27
C ASN D 71 -12.94 -14.54 -7.53
N SER D 72 -13.91 -15.38 -7.18
CA SER D 72 -13.97 -16.77 -7.66
C SER D 72 -14.20 -16.78 -9.18
N GLY D 73 -13.99 -17.95 -9.81
CA GLY D 73 -14.58 -18.23 -11.11
C GLY D 73 -16.11 -18.43 -10.98
N THR D 74 -16.80 -18.64 -12.11
CA THR D 74 -18.24 -18.82 -12.08
C THR D 74 -18.59 -20.16 -11.46
N ILE D 75 -19.72 -20.18 -10.70
CA ILE D 75 -20.28 -21.35 -10.04
C ILE D 75 -21.74 -21.53 -10.45
N PRO D 76 -22.16 -22.71 -10.95
CA PRO D 76 -23.55 -22.89 -11.35
C PRO D 76 -24.54 -22.73 -10.18
N VAL D 77 -25.68 -22.12 -10.48
CA VAL D 77 -26.75 -21.94 -9.51
C VAL D 77 -27.98 -22.67 -10.04
N ASN D 78 -28.32 -22.45 -11.32
CA ASN D 78 -29.50 -23.09 -11.89
C ASN D 78 -30.77 -22.72 -11.10
N THR D 79 -31.65 -23.72 -10.74
CA THR D 79 -32.91 -23.41 -10.03
C THR D 79 -32.66 -23.04 -8.59
N GLY D 80 -31.45 -23.33 -8.11
CA GLY D 80 -31.04 -23.00 -6.74
C GLY D 80 -30.16 -24.06 -6.10
N LEU D 81 -29.91 -23.85 -4.80
CA LEU D 81 -28.96 -24.62 -4.03
C LEU D 81 -29.59 -24.82 -2.65
N PHE D 82 -29.64 -26.07 -2.17
CA PHE D 82 -30.29 -26.42 -0.90
C PHE D 82 -29.22 -26.70 0.15
N ARG D 83 -29.14 -25.84 1.19
CA ARG D 83 -28.23 -26.09 2.31
C ARG D 83 -26.83 -26.44 1.79
N TRP D 84 -26.26 -25.51 1.01
CA TRP D 84 -25.03 -25.69 0.25
C TRP D 84 -23.85 -25.00 0.94
N VAL D 85 -22.70 -25.69 0.91
CA VAL D 85 -21.41 -25.15 1.36
C VAL D 85 -20.49 -25.05 0.14
N ALA D 86 -19.74 -23.96 0.00
CA ALA D 86 -18.87 -23.76 -1.16
C ALA D 86 -17.69 -24.73 -1.10
N PRO D 87 -17.38 -25.44 -2.22
CA PRO D 87 -15.99 -25.79 -2.57
C PRO D 87 -14.94 -24.74 -2.20
N ASN D 88 -13.99 -25.18 -1.37
CA ASN D 88 -13.39 -24.39 -0.31
C ASN D 88 -12.48 -23.27 -0.82
N ASN D 89 -12.04 -22.47 0.14
CA ASN D 89 -11.28 -21.24 -0.07
C ASN D 89 -12.18 -20.06 -0.41
N VAL D 90 -13.34 -20.20 -1.10
CA VAL D 90 -14.01 -19.00 -1.65
C VAL D 90 -14.66 -18.15 -0.55
N GLN D 91 -14.72 -16.82 -0.77
CA GLN D 91 -15.21 -15.87 0.21
C GLN D 91 -15.52 -14.56 -0.50
N GLY D 92 -16.62 -13.89 -0.08
CA GLY D 92 -16.91 -12.54 -0.52
C GLY D 92 -18.37 -12.38 -0.95
N ALA D 93 -18.68 -11.19 -1.46
CA ALA D 93 -20.02 -10.89 -1.95
C ALA D 93 -20.43 -11.85 -3.07
N ILE D 94 -21.72 -12.28 -3.02
CA ILE D 94 -22.33 -13.05 -4.08
C ILE D 94 -22.80 -12.09 -5.16
N THR D 95 -22.31 -12.30 -6.40
CA THR D 95 -22.82 -11.67 -7.61
C THR D 95 -23.51 -12.72 -8.48
N LEU D 96 -24.74 -12.44 -8.88
CA LEU D 96 -25.52 -13.31 -9.76
C LEU D 96 -25.39 -12.83 -11.20
N ILE D 97 -25.20 -13.80 -12.11
CA ILE D 97 -24.96 -13.51 -13.53
C ILE D 97 -25.71 -14.46 -14.44
N TYR D 98 -26.21 -13.93 -15.58
CA TYR D 98 -26.81 -14.75 -16.64
C TYR D 98 -25.69 -15.28 -17.56
N ASN D 99 -25.72 -16.58 -17.86
CA ASN D 99 -24.66 -17.26 -18.61
C ASN D 99 -24.89 -17.06 -20.11
N ASP D 100 -24.05 -16.24 -20.74
CA ASP D 100 -24.02 -16.10 -22.19
C ASP D 100 -22.56 -15.82 -22.60
N VAL D 101 -22.35 -15.66 -23.91
CA VAL D 101 -21.02 -15.38 -24.46
C VAL D 101 -20.73 -13.87 -24.36
N PRO D 102 -19.59 -13.43 -23.76
CA PRO D 102 -19.29 -12.01 -23.61
C PRO D 102 -19.30 -11.34 -24.99
N GLY D 103 -19.87 -10.14 -25.06
CA GLY D 103 -20.04 -9.43 -26.32
C GLY D 103 -21.39 -9.70 -26.99
N THR D 104 -22.16 -10.71 -26.52
CA THR D 104 -23.38 -11.15 -27.19
C THR D 104 -24.64 -10.96 -26.32
N TYR D 105 -24.56 -10.09 -25.31
CA TYR D 105 -25.68 -9.95 -24.39
C TYR D 105 -26.73 -8.98 -24.93
N GLY D 106 -26.45 -8.32 -26.07
CA GLY D 106 -27.29 -7.21 -26.50
C GLY D 106 -28.65 -7.68 -27.02
N ASN D 107 -28.76 -8.94 -27.44
CA ASN D 107 -30.05 -9.48 -27.87
C ASN D 107 -30.81 -10.26 -26.78
N ASN D 108 -30.36 -10.17 -25.52
CA ASN D 108 -30.96 -10.96 -24.43
C ASN D 108 -32.18 -10.23 -23.86
N SER D 109 -33.10 -10.98 -23.23
CA SER D 109 -34.27 -10.38 -22.62
C SER D 109 -34.76 -11.23 -21.43
N GLY D 110 -35.57 -10.61 -20.56
CA GLY D 110 -36.10 -11.33 -19.40
C GLY D 110 -35.13 -11.27 -18.21
N SER D 111 -35.50 -11.99 -17.14
CA SER D 111 -34.81 -11.90 -15.86
C SER D 111 -35.18 -13.09 -14.97
N PHE D 112 -34.35 -13.34 -13.97
CA PHE D 112 -34.67 -14.29 -12.93
C PHE D 112 -34.90 -13.55 -11.62
N SER D 113 -35.88 -14.06 -10.85
CA SER D 113 -36.08 -13.64 -9.47
C SER D 113 -35.40 -14.62 -8.53
N VAL D 114 -34.74 -14.10 -7.48
CA VAL D 114 -33.84 -14.90 -6.68
C VAL D 114 -34.00 -14.52 -5.19
N ASN D 115 -34.06 -15.55 -4.34
CA ASN D 115 -33.94 -15.39 -2.91
C ASN D 115 -32.69 -16.14 -2.46
N ILE D 116 -31.99 -15.53 -1.49
CA ILE D 116 -30.83 -16.16 -0.86
C ILE D 116 -30.92 -15.94 0.65
N GLY D 117 -30.61 -16.98 1.41
CA GLY D 117 -30.49 -16.83 2.85
C GLY D 117 -29.45 -17.77 3.42
N LYS D 118 -28.90 -17.43 4.59
CA LYS D 118 -28.00 -18.32 5.30
C LYS D 118 -28.77 -19.23 6.23
N ASP D 119 -28.26 -20.45 6.32
CA ASP D 119 -28.89 -21.50 7.10
C ASP D 119 -28.09 -21.75 8.39
N GLN D 120 -28.69 -22.58 9.25
CA GLN D 120 -28.06 -23.15 10.44
C GLN D 120 -26.77 -23.88 10.07
N SER D 121 -25.75 -23.70 10.92
CA SER D 121 -24.45 -24.33 10.71
C SER D 121 -23.69 -24.39 12.05
N ALA E 1 23.12 29.33 -5.82
CA ALA E 1 23.72 29.21 -4.47
C ALA E 1 22.91 30.07 -3.49
N TRP E 2 23.05 29.77 -2.20
CA TRP E 2 22.34 30.47 -1.15
C TRP E 2 23.33 30.68 -0.02
N LYS E 3 23.25 31.85 0.63
CA LYS E 3 24.05 32.16 1.80
C LYS E 3 23.14 32.90 2.77
N GLY E 4 23.16 32.48 4.05
CA GLY E 4 22.31 33.07 5.07
C GLY E 4 22.62 32.53 6.47
N GLU E 5 21.80 32.94 7.45
CA GLU E 5 21.89 32.62 8.86
C GLU E 5 20.68 31.76 9.27
N VAL E 6 20.92 30.86 10.20
CA VAL E 6 19.89 30.05 10.83
C VAL E 6 19.91 30.34 12.32
N LEU E 7 18.82 30.93 12.86
CA LEU E 7 18.73 31.26 14.27
CA LEU E 7 18.75 31.25 14.27
C LEU E 7 18.38 30.04 15.12
N ALA E 8 19.09 29.86 16.26
CA ALA E 8 18.86 28.75 17.19
C ALA E 8 17.46 28.74 17.82
N ASN E 9 16.81 29.90 17.96
CA ASN E 9 15.51 29.92 18.59
C ASN E 9 14.36 29.84 17.58
N ASN E 10 14.66 29.58 16.30
CA ASN E 10 13.63 29.58 15.26
C ASN E 10 13.11 28.14 15.12
N GLU E 11 11.99 27.84 15.78
CA GLU E 11 11.46 26.49 15.82
C GLU E 11 10.93 26.08 14.44
N ALA E 12 10.47 27.04 13.64
CA ALA E 12 9.96 26.72 12.30
C ALA E 12 11.11 26.56 11.31
N GLY E 13 12.32 27.02 11.65
CA GLY E 13 13.50 26.93 10.79
C GLY E 13 13.55 27.99 9.69
N GLN E 14 14.67 28.02 8.94
CA GLN E 14 14.97 29.05 7.96
C GLN E 14 14.80 28.50 6.55
N VAL E 15 13.79 28.97 5.80
CA VAL E 15 13.61 28.51 4.43
C VAL E 15 14.70 29.15 3.56
N THR E 16 15.31 28.37 2.65
CA THR E 16 16.36 28.86 1.76
C THR E 16 15.73 29.05 0.38
N SER E 17 16.54 29.50 -0.57
CA SER E 17 16.15 29.65 -1.98
C SER E 17 16.40 28.39 -2.78
N ILE E 18 17.01 27.38 -2.18
CA ILE E 18 17.37 26.16 -2.88
C ILE E 18 16.18 25.19 -2.93
N ILE E 19 15.83 24.75 -4.14
CA ILE E 19 14.95 23.61 -4.36
C ILE E 19 15.86 22.43 -4.75
N TYR E 20 15.87 21.37 -3.93
CA TYR E 20 16.59 20.15 -4.27
C TYR E 20 15.76 19.36 -5.29
N ASN E 21 16.31 19.15 -6.49
CA ASN E 21 15.62 18.46 -7.57
C ASN E 21 16.27 17.11 -7.80
N PRO E 22 15.52 16.12 -8.33
CA PRO E 22 16.09 14.80 -8.62
C PRO E 22 17.43 14.86 -9.35
N GLY E 23 18.42 14.16 -8.80
CA GLY E 23 19.72 14.11 -9.43
C GLY E 23 20.71 15.16 -8.95
N ASP E 24 20.25 16.15 -8.18
CA ASP E 24 21.16 17.24 -7.82
C ASP E 24 22.24 16.74 -6.88
N VAL E 25 23.44 17.33 -7.01
CA VAL E 25 24.53 17.13 -6.06
C VAL E 25 24.76 18.47 -5.37
N ILE E 26 24.79 18.48 -4.02
CA ILE E 26 24.95 19.74 -3.31
C ILE E 26 26.14 19.67 -2.38
N THR E 27 26.62 20.87 -2.05
CA THR E 27 27.63 21.07 -1.01
C THR E 27 27.10 22.14 -0.05
N ILE E 28 27.19 21.83 1.24
CA ILE E 28 26.87 22.76 2.32
C ILE E 28 28.08 22.89 3.24
N VAL E 29 28.35 24.14 3.66
CA VAL E 29 29.35 24.45 4.67
C VAL E 29 28.68 25.37 5.69
N ALA E 30 28.79 25.01 6.99
CA ALA E 30 28.17 25.75 8.09
C ALA E 30 29.22 26.11 9.14
N ALA E 31 29.11 27.32 9.72
CA ALA E 31 29.98 27.80 10.79
C ALA E 31 29.14 28.56 11.82
N GLY E 32 29.74 28.79 12.97
CA GLY E 32 29.14 29.67 13.97
C GLY E 32 28.95 28.98 15.32
N TRP E 33 28.27 29.71 16.21
CA TRP E 33 28.10 29.33 17.61
C TRP E 33 26.65 29.56 18.09
N ALA E 34 26.09 28.59 18.81
CA ALA E 34 24.70 28.56 19.24
C ALA E 34 24.54 27.76 20.53
N SER E 35 23.46 28.06 21.30
CA SER E 35 23.08 27.30 22.50
C SER E 35 21.60 26.93 22.52
N TYR E 36 21.28 25.76 23.11
CA TYR E 36 19.92 25.29 23.34
C TYR E 36 19.44 25.68 24.75
N GLY E 37 20.21 26.49 25.49
CA GLY E 37 19.79 26.90 26.83
C GLY E 37 20.96 27.29 27.74
N PRO E 38 21.95 26.39 27.98
CA PRO E 38 23.13 26.73 28.81
C PRO E 38 23.98 27.91 28.32
N THR E 39 24.82 28.48 29.20
CA THR E 39 25.54 29.67 28.75
C THR E 39 26.64 29.28 27.74
N GLN E 40 27.13 28.03 27.81
CA GLN E 40 28.10 27.52 26.83
C GLN E 40 27.48 27.56 25.42
N LYS E 41 28.33 27.75 24.40
CA LYS E 41 27.91 27.62 23.00
C LYS E 41 28.64 26.48 22.31
N TRP E 42 28.00 25.94 21.26
CA TRP E 42 28.53 24.79 20.52
C TRP E 42 28.47 25.13 19.03
N GLY E 43 29.30 24.45 18.25
CA GLY E 43 29.28 24.64 16.81
C GLY E 43 28.20 23.80 16.16
N PRO E 44 28.21 23.72 14.81
CA PRO E 44 27.14 23.04 14.06
C PRO E 44 26.92 21.55 14.28
N GLN E 45 27.90 20.87 14.91
CA GLN E 45 27.67 19.48 15.28
C GLN E 45 26.91 19.35 16.61
N GLY E 46 26.70 20.46 17.32
CA GLY E 46 25.99 20.49 18.60
C GLY E 46 26.84 19.95 19.77
N ASP E 47 26.13 19.43 20.81
CA ASP E 47 26.73 18.94 22.04
C ASP E 47 26.66 17.42 22.08
N ARG E 48 27.80 16.76 21.87
CA ARG E 48 27.88 15.30 21.90
C ARG E 48 27.47 14.72 23.25
N GLU E 49 27.63 15.47 24.35
CA GLU E 49 27.46 14.93 25.69
C GLU E 49 26.02 15.02 26.21
N HIS E 50 25.08 15.59 25.45
CA HIS E 50 23.77 15.87 26.04
C HIS E 50 22.76 14.78 25.64
N PRO E 51 21.97 14.21 26.57
CA PRO E 51 20.99 13.19 26.18
C PRO E 51 19.86 13.72 25.30
N ASP E 52 19.37 12.86 24.40
CA ASP E 52 18.25 13.14 23.51
C ASP E 52 16.96 12.90 24.27
N GLN E 53 16.20 13.97 24.55
CA GLN E 53 14.95 13.81 25.30
C GLN E 53 13.75 14.25 24.46
N GLY E 54 13.77 13.93 23.16
CA GLY E 54 12.68 14.22 22.24
C GLY E 54 13.07 15.25 21.17
N LEU E 55 14.30 15.14 20.64
CA LEU E 55 14.81 16.03 19.60
C LEU E 55 14.06 15.82 18.28
N ILE E 56 13.96 16.91 17.50
CA ILE E 56 13.36 16.86 16.18
C ILE E 56 14.14 15.91 15.24
N CYS E 57 15.45 15.71 15.48
CA CYS E 57 16.29 14.81 14.70
C CYS E 57 17.08 13.89 15.63
N HIS E 58 16.71 12.60 15.64
CA HIS E 58 17.31 11.63 16.54
C HIS E 58 18.71 11.23 16.08
N ASP E 59 19.07 11.47 14.82
CA ASP E 59 20.41 11.09 14.37
C ASP E 59 21.35 12.29 14.26
N ALA E 60 21.07 13.35 15.03
CA ALA E 60 22.02 14.44 15.26
C ALA E 60 21.93 14.82 16.73
N PHE E 61 23.01 15.46 17.22
CA PHE E 61 23.10 15.86 18.61
C PHE E 61 22.27 17.12 18.88
N CYS E 62 21.90 17.30 20.16
CA CYS E 62 21.25 18.54 20.58
C CYS E 62 22.11 19.73 20.18
N GLY E 63 21.55 20.72 19.50
CA GLY E 63 22.25 21.93 19.09
C GLY E 63 22.95 21.78 17.72
N ALA E 64 22.70 20.67 17.01
CA ALA E 64 23.25 20.44 15.67
C ALA E 64 22.40 21.14 14.62
N LEU E 65 23.03 21.45 13.46
CA LEU E 65 22.33 21.91 12.27
C LEU E 65 21.71 20.72 11.56
N VAL E 66 20.43 20.83 11.21
CA VAL E 66 19.73 19.81 10.44
C VAL E 66 18.87 20.49 9.38
N MET E 67 18.26 19.68 8.53
CA MET E 67 17.41 20.23 7.48
C MET E 67 16.22 19.34 7.16
N LYS E 68 15.25 19.93 6.46
CA LYS E 68 14.25 19.20 5.73
C LYS E 68 14.36 19.54 4.25
N ILE E 69 14.07 18.53 3.41
CA ILE E 69 13.96 18.68 1.96
C ILE E 69 12.52 18.31 1.60
N GLY E 70 11.72 19.29 1.23
CA GLY E 70 10.30 19.02 1.00
C GLY E 70 9.64 18.36 2.22
N ASN E 71 9.00 17.20 1.98
CA ASN E 71 8.28 16.48 3.03
C ASN E 71 9.16 15.38 3.65
N SER E 72 10.49 15.46 3.48
CA SER E 72 11.37 14.50 4.11
C SER E 72 11.22 14.56 5.63
N GLY E 73 11.78 13.55 6.30
CA GLY E 73 12.07 13.70 7.72
C GLY E 73 13.20 14.71 7.89
N THR E 74 13.55 15.04 9.14
CA THR E 74 14.78 15.79 9.40
C THR E 74 15.96 14.94 8.96
N ILE E 75 16.97 15.64 8.44
CA ILE E 75 18.18 15.09 7.85
C ILE E 75 19.38 15.82 8.48
N PRO E 76 20.39 15.13 9.02
CA PRO E 76 21.48 15.87 9.67
C PRO E 76 22.33 16.64 8.66
N VAL E 77 22.83 17.83 9.06
CA VAL E 77 23.76 18.60 8.24
C VAL E 77 25.09 18.76 8.96
N ASN E 78 25.05 19.14 10.24
CA ASN E 78 26.28 19.35 11.00
C ASN E 78 27.12 20.47 10.36
N THR E 79 28.47 20.28 10.24
CA THR E 79 29.37 21.27 9.63
C THR E 79 29.18 21.33 8.12
N GLY E 80 28.50 20.34 7.55
CA GLY E 80 28.14 20.40 6.16
C GLY E 80 28.12 19.02 5.50
N LEU E 81 27.93 19.07 4.18
CA LEU E 81 27.83 17.91 3.30
C LEU E 81 28.68 18.18 2.06
N PHE E 82 29.48 17.19 1.65
CA PHE E 82 30.38 17.36 0.52
C PHE E 82 29.92 16.55 -0.70
N ARG E 83 29.48 17.25 -1.76
CA ARG E 83 29.15 16.60 -3.03
C ARG E 83 28.17 15.46 -2.76
N TRP E 84 27.02 15.84 -2.20
CA TRP E 84 26.07 14.93 -1.59
C TRP E 84 24.79 14.87 -2.39
N VAL E 85 24.27 13.65 -2.50
CA VAL E 85 23.00 13.34 -3.14
CA VAL E 85 22.99 13.36 -3.14
C VAL E 85 22.01 12.87 -2.07
N ALA E 86 20.75 13.33 -2.16
CA ALA E 86 19.78 13.01 -1.13
C ALA E 86 19.32 11.55 -1.25
N PRO E 87 19.13 10.83 -0.12
CA PRO E 87 18.65 9.44 -0.15
C PRO E 87 17.17 9.29 -0.48
N ASN E 88 16.81 8.11 -1.00
CA ASN E 88 15.42 7.67 -1.12
C ASN E 88 14.57 8.67 -1.95
N ASN E 89 15.20 9.36 -2.91
CA ASN E 89 14.47 10.12 -3.92
C ASN E 89 13.72 11.32 -3.31
N VAL E 90 14.18 11.85 -2.18
CA VAL E 90 13.52 13.02 -1.62
C VAL E 90 13.80 14.25 -2.49
N GLN E 91 12.91 15.24 -2.43
CA GLN E 91 13.02 16.41 -3.27
C GLN E 91 12.19 17.56 -2.71
N GLY E 92 12.56 18.79 -3.07
CA GLY E 92 11.80 19.98 -2.69
C GLY E 92 12.64 21.03 -1.96
N ALA E 93 11.96 22.06 -1.43
CA ALA E 93 12.63 23.21 -0.84
C ALA E 93 13.44 22.78 0.39
N ILE E 94 14.65 23.33 0.54
CA ILE E 94 15.49 23.06 1.72
C ILE E 94 15.17 24.07 2.80
N THR E 95 14.77 23.56 3.98
CA THR E 95 14.64 24.35 5.18
C THR E 95 15.71 23.90 6.16
N LEU E 96 16.45 24.86 6.73
CA LEU E 96 17.44 24.60 7.76
C LEU E 96 16.87 24.83 9.16
N ILE E 97 17.26 23.97 10.10
CA ILE E 97 16.69 24.00 11.46
C ILE E 97 17.76 23.69 12.49
N TYR E 98 17.72 24.41 13.62
CA TYR E 98 18.45 24.02 14.84
C TYR E 98 17.78 22.83 15.51
N ASN E 99 18.56 21.83 15.94
CA ASN E 99 18.03 20.62 16.54
C ASN E 99 17.79 20.87 18.03
N ASP E 100 16.53 20.92 18.47
CA ASP E 100 16.16 20.98 19.89
C ASP E 100 14.84 20.22 20.08
N VAL E 101 14.40 20.09 21.33
CA VAL E 101 13.14 19.45 21.67
C VAL E 101 11.99 20.42 21.34
N PRO E 102 10.91 19.96 20.69
CA PRO E 102 9.78 20.84 20.42
C PRO E 102 9.25 21.50 21.70
N GLY E 103 8.96 22.81 21.58
CA GLY E 103 8.44 23.63 22.65
C GLY E 103 9.54 24.17 23.57
N THR E 104 10.84 23.88 23.30
CA THR E 104 11.91 24.32 24.19
C THR E 104 12.82 25.33 23.49
N TYR E 105 12.36 25.96 22.41
CA TYR E 105 13.21 26.83 21.60
C TYR E 105 13.32 28.23 22.20
N GLY E 106 12.45 28.61 23.14
CA GLY E 106 12.38 29.99 23.58
C GLY E 106 13.68 30.47 24.26
N ASN E 107 14.42 29.55 24.89
CA ASN E 107 15.61 29.91 25.63
C ASN E 107 16.88 29.72 24.80
N ASN E 108 16.75 29.47 23.50
CA ASN E 108 17.94 29.29 22.65
C ASN E 108 18.56 30.62 22.22
N SER E 109 19.83 30.55 21.78
CA SER E 109 20.52 31.75 21.30
C SER E 109 21.64 31.39 20.33
N GLY E 110 22.04 32.39 19.55
CA GLY E 110 23.08 32.24 18.55
C GLY E 110 22.50 31.81 17.21
N SER E 111 23.40 31.51 16.27
CA SER E 111 23.06 31.29 14.87
C SER E 111 24.21 30.59 14.17
N PHE E 112 23.88 29.95 13.07
CA PHE E 112 24.89 29.41 12.17
C PHE E 112 24.80 30.13 10.84
N SER E 113 25.99 30.43 10.27
CA SER E 113 26.15 30.97 8.93
CA SER E 113 26.17 30.97 8.93
C SER E 113 26.34 29.81 7.96
N VAL E 114 25.52 29.79 6.88
CA VAL E 114 25.52 28.62 6.00
C VAL E 114 25.60 29.04 4.54
N ASN E 115 26.42 28.30 3.77
CA ASN E 115 26.46 28.38 2.33
C ASN E 115 25.95 27.07 1.76
N ILE E 116 25.10 27.13 0.72
CA ILE E 116 24.68 25.96 -0.06
C ILE E 116 24.90 26.20 -1.55
N GLY E 117 25.44 25.21 -2.24
CA GLY E 117 25.64 25.28 -3.67
C GLY E 117 25.32 23.95 -4.34
N LYS E 118 25.03 24.03 -5.65
CA LYS E 118 24.85 22.82 -6.45
C LYS E 118 26.17 22.54 -7.22
N ASP E 119 26.49 21.25 -7.31
CA ASP E 119 27.73 20.74 -7.86
C ASP E 119 27.49 20.20 -9.26
N GLN E 120 28.59 19.89 -9.95
CA GLN E 120 28.59 19.31 -11.27
C GLN E 120 27.89 17.95 -11.23
N SER E 121 27.11 17.70 -12.28
CA SER E 121 26.37 16.44 -12.40
C SER E 121 26.01 16.16 -13.87
N ALA F 1 6.47 -3.50 12.88
CA ALA F 1 7.25 -3.58 14.15
C ALA F 1 6.39 -3.17 15.35
N TRP F 2 6.84 -3.59 16.54
CA TRP F 2 6.19 -3.17 17.77
C TRP F 2 7.24 -2.55 18.68
N LYS F 3 6.88 -1.45 19.35
CA LYS F 3 7.74 -0.73 20.29
C LYS F 3 6.90 -0.43 21.53
N GLY F 4 7.42 -0.73 22.72
CA GLY F 4 6.65 -0.49 23.93
C GLY F 4 7.43 -0.81 25.19
N GLU F 5 6.67 -1.04 26.29
CA GLU F 5 7.26 -1.25 27.60
C GLU F 5 6.54 -2.42 28.26
N VAL F 6 7.29 -3.20 29.04
CA VAL F 6 6.77 -4.35 29.76
C VAL F 6 6.90 -4.04 31.25
N LEU F 7 5.77 -3.91 31.97
CA LEU F 7 5.82 -3.54 33.37
C LEU F 7 6.14 -4.76 34.22
N ALA F 8 7.06 -4.62 35.21
CA ALA F 8 7.39 -5.70 36.13
C ALA F 8 6.18 -6.21 36.93
N ASN F 9 5.22 -5.34 37.25
CA ASN F 9 4.17 -5.70 38.19
C ASN F 9 2.92 -6.21 37.46
N ASN F 10 3.04 -6.48 36.15
CA ASN F 10 1.88 -6.96 35.41
C ASN F 10 2.01 -8.47 35.13
N GLU F 11 1.25 -9.29 35.89
CA GLU F 11 1.35 -10.75 35.87
C GLU F 11 0.88 -11.33 34.53
N ALA F 12 -0.04 -10.63 33.86
CA ALA F 12 -0.61 -11.06 32.59
C ALA F 12 0.32 -10.77 31.40
N GLY F 13 1.31 -9.90 31.57
CA GLY F 13 2.20 -9.52 30.49
C GLY F 13 1.53 -8.60 29.46
N GLN F 14 2.24 -8.42 28.34
CA GLN F 14 1.90 -7.43 27.35
C GLN F 14 1.67 -8.15 26.03
N VAL F 15 0.42 -8.16 25.53
CA VAL F 15 0.09 -8.78 24.26
C VAL F 15 0.46 -7.81 23.13
N THR F 16 1.43 -8.19 22.28
CA THR F 16 1.94 -7.31 21.21
C THR F 16 1.12 -7.56 19.93
N SER F 17 1.45 -6.74 18.92
CA SER F 17 0.88 -6.75 17.58
C SER F 17 1.56 -7.76 16.66
N ILE F 18 2.62 -8.42 17.15
CA ILE F 18 3.41 -9.32 16.33
C ILE F 18 2.78 -10.70 16.37
N ILE F 19 2.29 -11.16 15.20
CA ILE F 19 1.82 -12.52 15.04
C ILE F 19 2.96 -13.33 14.41
N TYR F 20 3.53 -14.24 15.19
CA TYR F 20 4.59 -15.09 14.70
C TYR F 20 3.95 -16.20 13.86
N ASN F 21 4.31 -16.23 12.57
CA ASN F 21 3.86 -17.24 11.64
C ASN F 21 5.03 -18.17 11.31
N PRO F 22 4.74 -19.43 10.92
CA PRO F 22 5.81 -20.36 10.56
C PRO F 22 6.81 -19.77 9.55
N GLY F 23 8.08 -19.97 9.89
CA GLY F 23 9.19 -19.53 9.08
C GLY F 23 9.64 -18.08 9.33
N ASP F 24 8.86 -17.30 10.10
CA ASP F 24 9.26 -15.91 10.38
C ASP F 24 10.60 -15.87 11.12
N VAL F 25 11.40 -14.84 10.81
CA VAL F 25 12.65 -14.55 11.50
C VAL F 25 12.42 -13.24 12.24
N ILE F 26 12.67 -13.22 13.56
CA ILE F 26 12.43 -12.01 14.35
C ILE F 26 13.69 -11.52 15.06
N THR F 27 13.70 -10.21 15.35
CA THR F 27 14.72 -9.62 16.22
C THR F 27 13.98 -8.91 17.35
N ILE F 28 14.46 -9.14 18.59
CA ILE F 28 13.99 -8.44 19.78
C ILE F 28 15.21 -7.80 20.45
N VAL F 29 15.10 -6.52 20.81
CA VAL F 29 16.05 -5.89 21.72
C VAL F 29 15.32 -5.31 22.93
N ALA F 30 15.84 -5.59 24.15
CA ALA F 30 15.23 -5.14 25.40
C ALA F 30 16.26 -4.40 26.22
N ALA F 31 15.80 -3.29 26.84
CA ALA F 31 16.63 -2.47 27.70
C ALA F 31 15.85 -2.11 28.95
N GLY F 32 16.56 -1.62 29.98
CA GLY F 32 15.90 -1.02 31.14
C GLY F 32 16.25 -1.70 32.47
N TRP F 33 15.52 -1.28 33.50
CA TRP F 33 15.77 -1.67 34.88
C TRP F 33 14.46 -1.99 35.60
N ALA F 34 14.39 -3.14 36.30
CA ALA F 34 13.17 -3.57 37.00
C ALA F 34 13.51 -4.39 38.24
N SER F 35 12.54 -4.50 39.16
CA SER F 35 12.74 -5.25 40.39
C SER F 35 11.57 -6.19 40.67
N TYR F 36 11.88 -7.34 41.27
CA TYR F 36 10.89 -8.33 41.66
C TYR F 36 10.55 -8.16 43.15
N GLY F 37 11.11 -7.11 43.78
CA GLY F 37 10.75 -6.77 45.16
C GLY F 37 11.80 -5.90 45.87
N PRO F 38 13.08 -6.32 45.89
CA PRO F 38 14.14 -5.55 46.54
C PRO F 38 14.40 -4.15 45.99
N THR F 39 15.11 -3.33 46.78
CA THR F 39 15.42 -1.96 46.40
C THR F 39 16.37 -1.89 45.18
N GLN F 40 17.18 -2.93 44.96
CA GLN F 40 18.04 -2.97 43.78
C GLN F 40 17.17 -3.23 42.53
N LYS F 41 17.70 -2.82 41.36
CA LYS F 41 17.08 -3.16 40.09
C LYS F 41 18.04 -3.97 39.23
N TRP F 42 17.48 -4.80 38.35
CA TRP F 42 18.24 -5.64 37.43
C TRP F 42 17.78 -5.37 36.00
N GLY F 43 18.70 -5.63 35.06
CA GLY F 43 18.39 -5.55 33.62
C GLY F 43 17.61 -6.76 33.13
N PRO F 44 17.36 -6.87 31.80
CA PRO F 44 16.48 -7.91 31.25
C PRO F 44 16.93 -9.36 31.40
N GLN F 45 18.17 -9.58 31.84
CA GLN F 45 18.63 -10.92 32.18
C GLN F 45 18.29 -11.30 33.64
N GLY F 46 17.78 -10.36 34.42
CA GLY F 46 17.33 -10.61 35.79
C GLY F 46 18.48 -10.79 36.76
N ASP F 47 18.21 -11.53 37.85
CA ASP F 47 19.11 -11.60 39.01
C ASP F 47 19.74 -12.97 39.07
N ARG F 48 21.03 -13.06 38.69
CA ARG F 48 21.70 -14.34 38.57
C ARG F 48 21.95 -14.99 39.94
N GLU F 49 21.87 -14.22 41.03
CA GLU F 49 22.17 -14.78 42.35
C GLU F 49 20.88 -15.21 43.08
N HIS F 50 19.71 -15.09 42.46
CA HIS F 50 18.45 -15.35 43.15
C HIS F 50 17.99 -16.79 42.87
N PRO F 51 17.55 -17.58 43.88
CA PRO F 51 17.01 -18.93 43.62
C PRO F 51 15.63 -18.97 42.99
N ASP F 52 15.34 -20.03 42.21
CA ASP F 52 14.04 -20.22 41.57
C ASP F 52 13.05 -20.87 42.54
N GLN F 53 12.01 -20.12 42.94
CA GLN F 53 11.05 -20.59 43.93
C GLN F 53 9.66 -20.78 43.33
N GLY F 54 9.60 -21.16 42.05
CA GLY F 54 8.35 -21.33 41.34
C GLY F 54 8.15 -20.27 40.26
N LEU F 55 9.22 -19.95 39.52
CA LEU F 55 9.17 -18.93 38.46
C LEU F 55 8.28 -19.41 37.31
N ILE F 56 7.66 -18.46 36.57
CA ILE F 56 6.90 -18.84 35.40
C ILE F 56 7.81 -19.40 34.30
N CYS F 57 9.09 -18.99 34.25
CA CYS F 57 10.05 -19.58 33.33
C CYS F 57 11.29 -20.05 34.11
N HIS F 58 11.51 -21.39 34.09
CA HIS F 58 12.58 -22.03 34.86
C HIS F 58 13.94 -21.95 34.16
N ASP F 59 13.97 -21.42 32.90
CA ASP F 59 15.13 -21.36 32.03
C ASP F 59 15.67 -19.93 31.88
N ALA F 60 15.26 -19.04 32.78
CA ALA F 60 15.79 -17.70 32.90
C ALA F 60 15.64 -17.27 34.35
N PHE F 61 16.43 -16.29 34.77
CA PHE F 61 16.49 -15.89 36.17
C PHE F 61 15.24 -15.10 36.57
N CYS F 62 14.98 -15.05 37.88
CA CYS F 62 13.98 -14.16 38.41
C CYS F 62 14.31 -12.74 37.94
N GLY F 63 13.30 -12.04 37.39
CA GLY F 63 13.47 -10.68 36.92
C GLY F 63 13.91 -10.58 35.45
N ALA F 64 14.02 -11.72 34.74
CA ALA F 64 14.33 -11.71 33.32
C ALA F 64 13.07 -11.46 32.48
N LEU F 65 13.28 -11.00 31.22
CA LEU F 65 12.21 -10.90 30.25
C LEU F 65 12.03 -12.24 29.54
N VAL F 66 10.76 -12.71 29.45
CA VAL F 66 10.42 -13.91 28.69
C VAL F 66 9.21 -13.61 27.81
N MET F 67 8.77 -14.60 27.03
CA MET F 67 7.63 -14.44 26.17
C MET F 67 6.86 -15.75 26.03
N LYS F 68 5.61 -15.60 25.56
CA LYS F 68 4.81 -16.71 25.10
C LYS F 68 4.44 -16.43 23.65
N ILE F 69 4.37 -17.47 22.84
CA ILE F 69 3.92 -17.33 21.47
C ILE F 69 2.65 -18.15 21.31
N GLY F 70 1.52 -17.49 21.01
CA GLY F 70 0.23 -18.16 21.04
C GLY F 70 0.07 -18.86 22.38
N ASN F 71 -0.16 -20.18 22.34
CA ASN F 71 -0.37 -20.97 23.56
C ASN F 71 0.89 -21.79 23.90
N SER F 72 2.07 -21.22 23.68
CA SER F 72 3.28 -21.94 23.98
C SER F 72 3.57 -21.84 25.47
N GLY F 73 4.58 -22.61 25.92
CA GLY F 73 5.21 -22.35 27.20
C GLY F 73 6.03 -21.07 27.12
N THR F 74 6.55 -20.63 28.28
CA THR F 74 7.42 -19.47 28.33
C THR F 74 8.71 -19.79 27.59
N ILE F 75 9.26 -18.76 26.94
CA ILE F 75 10.51 -18.82 26.20
C ILE F 75 11.39 -17.65 26.65
N PRO F 76 12.65 -17.88 27.05
CA PRO F 76 13.53 -16.78 27.45
C PRO F 76 13.74 -15.78 26.31
N VAL F 77 13.74 -14.49 26.68
CA VAL F 77 14.10 -13.40 25.79
C VAL F 77 15.40 -12.74 26.28
N ASN F 78 15.49 -12.45 27.58
CA ASN F 78 16.68 -11.79 28.11
C ASN F 78 16.87 -10.43 27.42
N THR F 79 18.10 -10.13 26.95
CA THR F 79 18.41 -8.83 26.35
C THR F 79 17.85 -8.77 24.93
N GLY F 80 17.47 -9.92 24.35
CA GLY F 80 16.90 -9.93 23.02
C GLY F 80 17.18 -11.24 22.29
N LEU F 81 16.67 -11.31 21.08
CA LEU F 81 16.91 -12.44 20.20
C LEU F 81 17.34 -11.90 18.84
N PHE F 82 18.39 -12.51 18.26
CA PHE F 82 18.96 -11.99 17.00
C PHE F 82 18.63 -12.93 15.84
N ARG F 83 17.81 -12.44 14.90
CA ARG F 83 17.43 -13.16 13.69
C ARG F 83 17.00 -14.59 14.07
N TRP F 84 15.96 -14.69 14.89
CA TRP F 84 15.56 -15.89 15.59
C TRP F 84 14.38 -16.56 14.93
N VAL F 85 14.42 -17.90 14.89
CA VAL F 85 13.34 -18.74 14.36
C VAL F 85 12.79 -19.63 15.47
N ALA F 86 11.44 -19.72 15.58
CA ALA F 86 10.78 -20.44 16.66
C ALA F 86 10.80 -21.94 16.39
N PRO F 87 10.75 -22.78 17.45
CA PRO F 87 10.47 -24.20 17.29
C PRO F 87 9.23 -24.55 16.47
N ASN F 88 9.24 -25.78 15.97
CA ASN F 88 8.15 -26.31 15.18
C ASN F 88 6.83 -26.19 15.98
N ASN F 89 5.79 -25.79 15.27
CA ASN F 89 4.41 -25.78 15.76
C ASN F 89 4.13 -24.60 16.69
N VAL F 90 5.08 -23.68 16.85
CA VAL F 90 4.83 -22.52 17.70
C VAL F 90 4.43 -21.37 16.79
N GLN F 91 3.27 -20.76 17.05
CA GLN F 91 2.77 -19.66 16.23
C GLN F 91 1.73 -18.90 17.04
N GLY F 92 1.52 -17.63 16.65
CA GLY F 92 0.48 -16.80 17.23
C GLY F 92 1.08 -15.54 17.83
N ALA F 93 0.26 -14.79 18.57
CA ALA F 93 0.66 -13.49 19.04
C ALA F 93 1.76 -13.65 20.08
N ILE F 94 2.71 -12.71 20.06
CA ILE F 94 3.77 -12.71 21.06
C ILE F 94 3.28 -11.94 22.28
N THR F 95 3.30 -12.58 23.46
CA THR F 95 3.11 -11.90 24.74
C THR F 95 4.46 -11.81 25.45
N LEU F 96 4.83 -10.61 25.88
CA LEU F 96 6.01 -10.35 26.69
C LEU F 96 5.63 -10.32 28.18
N ILE F 97 6.43 -10.98 29.02
CA ILE F 97 6.15 -11.10 30.45
C ILE F 97 7.42 -10.99 31.28
N TYR F 98 7.33 -10.31 32.44
CA TYR F 98 8.39 -10.31 33.45
C TYR F 98 8.36 -11.60 34.25
N ASN F 99 9.54 -12.19 34.51
CA ASN F 99 9.64 -13.51 35.11
C ASN F 99 9.62 -13.38 36.64
N ASP F 100 8.51 -13.79 37.27
CA ASP F 100 8.43 -13.81 38.74
C ASP F 100 7.59 -15.02 39.13
N VAL F 101 7.49 -15.24 40.44
CA VAL F 101 6.70 -16.32 41.00
C VAL F 101 5.25 -15.88 41.06
N PRO F 102 4.31 -16.69 40.54
CA PRO F 102 2.92 -16.28 40.44
C PRO F 102 2.33 -15.89 41.81
N GLY F 103 1.52 -14.82 41.82
CA GLY F 103 0.94 -14.29 43.04
C GLY F 103 1.89 -13.34 43.78
N THR F 104 3.12 -13.11 43.28
CA THR F 104 4.09 -12.25 43.95
C THR F 104 4.49 -11.02 43.10
N TYR F 105 3.62 -10.62 42.16
CA TYR F 105 3.93 -9.52 41.27
C TYR F 105 3.59 -8.15 41.86
N GLY F 106 2.88 -8.11 43.01
CA GLY F 106 2.35 -6.85 43.50
C GLY F 106 3.40 -5.89 44.04
N ASN F 107 4.54 -6.40 44.49
CA ASN F 107 5.62 -5.58 45.04
C ASN F 107 6.69 -5.28 43.99
N ASN F 108 6.36 -5.53 42.72
CA ASN F 108 7.33 -5.34 41.66
C ASN F 108 7.30 -3.89 41.22
N SER F 109 8.41 -3.45 40.60
CA SER F 109 8.49 -2.11 40.06
C SER F 109 9.45 -2.04 38.87
N GLY F 110 9.34 -0.93 38.12
CA GLY F 110 10.14 -0.73 36.91
C GLY F 110 9.54 -1.42 35.67
N SER F 111 10.30 -1.30 34.57
CA SER F 111 9.88 -1.79 33.27
C SER F 111 11.07 -1.94 32.32
N PHE F 112 10.86 -2.73 31.25
CA PHE F 112 11.82 -2.84 30.16
C PHE F 112 11.19 -2.23 28.90
N SER F 113 12.02 -1.50 28.17
CA SER F 113 11.74 -0.95 26.84
CA SER F 113 11.70 -0.97 26.85
C SER F 113 12.07 -2.03 25.83
N VAL F 114 11.13 -2.31 24.89
CA VAL F 114 11.31 -3.44 24.02
C VAL F 114 10.90 -3.10 22.58
N ASN F 115 11.73 -3.51 21.63
CA ASN F 115 11.42 -3.40 20.20
C ASN F 115 11.38 -4.82 19.65
N ILE F 116 10.41 -5.13 18.80
CA ILE F 116 10.30 -6.39 18.07
C ILE F 116 10.08 -6.08 16.59
N GLY F 117 10.80 -6.74 15.68
CA GLY F 117 10.51 -6.61 14.26
C GLY F 117 10.65 -7.93 13.52
N LYS F 118 9.99 -8.04 12.36
CA LYS F 118 10.25 -9.14 11.45
C LYS F 118 11.37 -8.79 10.49
N ASP F 119 12.28 -9.73 10.31
CA ASP F 119 13.49 -9.58 9.53
C ASP F 119 13.26 -10.21 8.16
N GLN F 120 14.20 -9.98 7.22
CA GLN F 120 14.14 -10.63 5.91
CA GLN F 120 14.20 -10.64 5.92
C GLN F 120 14.26 -12.14 6.14
N SER F 121 13.58 -12.91 5.28
CA SER F 121 13.56 -14.36 5.36
C SER F 121 13.18 -14.97 4.00
N ALA G 1 27.25 -10.67 8.64
CA ALA G 1 26.97 -10.62 10.09
C ALA G 1 28.22 -11.08 10.83
N TRP G 2 28.37 -10.64 12.07
CA TRP G 2 29.48 -11.03 12.91
C TRP G 2 28.93 -11.55 14.24
N LYS G 3 29.55 -12.61 14.76
CA LYS G 3 29.21 -13.13 16.07
C LYS G 3 30.51 -13.40 16.80
N GLY G 4 30.61 -12.99 18.07
CA GLY G 4 31.85 -13.16 18.80
C GLY G 4 31.74 -12.78 20.27
N GLU G 5 32.88 -12.85 20.96
CA GLU G 5 32.93 -12.52 22.38
C GLU G 5 33.77 -11.26 22.59
N VAL G 6 33.42 -10.51 23.65
CA VAL G 6 34.15 -9.32 24.05
C VAL G 6 34.57 -9.56 25.50
N LEU G 7 35.88 -9.72 25.74
CA LEU G 7 36.38 -9.99 27.09
CA LEU G 7 36.43 -9.97 27.07
C LEU G 7 36.42 -8.68 27.87
N ALA G 8 35.97 -8.76 29.14
CA ALA G 8 35.95 -7.57 29.98
C ALA G 8 37.35 -7.07 30.30
N ASN G 9 38.34 -7.99 30.35
CA ASN G 9 39.71 -7.62 30.67
C ASN G 9 40.57 -7.24 29.46
N ASN G 10 39.98 -7.07 28.26
CA ASN G 10 40.73 -6.65 27.08
C ASN G 10 40.57 -5.14 26.85
N GLU G 11 41.55 -4.35 27.28
CA GLU G 11 41.49 -2.89 27.18
C GLU G 11 41.43 -2.42 25.72
N ALA G 12 41.90 -3.21 24.76
CA ALA G 12 41.90 -2.78 23.38
C ALA G 12 40.59 -3.16 22.71
N GLY G 13 39.76 -3.95 23.38
CA GLY G 13 38.48 -4.33 22.79
C GLY G 13 38.64 -5.40 21.71
N GLN G 14 37.50 -5.75 21.09
CA GLN G 14 37.44 -6.80 20.10
C GLN G 14 37.06 -6.20 18.75
N VAL G 15 37.97 -6.28 17.74
CA VAL G 15 37.67 -5.77 16.42
CA VAL G 15 37.70 -5.80 16.39
C VAL G 15 36.77 -6.79 15.71
N THR G 16 35.77 -6.31 15.00
CA THR G 16 34.80 -7.16 14.35
C THR G 16 35.09 -7.10 12.85
N SER G 17 34.35 -7.90 12.09
CA SER G 17 34.41 -7.93 10.62
C SER G 17 33.45 -6.91 10.00
N ILE G 18 32.80 -6.10 10.83
CA ILE G 18 31.79 -5.14 10.35
C ILE G 18 32.49 -3.82 10.04
N ILE G 19 32.43 -3.41 8.76
CA ILE G 19 32.84 -2.06 8.40
C ILE G 19 31.57 -1.22 8.21
N TYR G 20 31.40 -0.21 9.07
CA TYR G 20 30.24 0.67 9.00
C TYR G 20 30.47 1.72 7.90
N ASN G 21 29.55 1.75 6.90
CA ASN G 21 29.61 2.68 5.79
C ASN G 21 28.40 3.62 5.83
N PRO G 22 28.55 4.89 5.38
CA PRO G 22 27.42 5.82 5.34
C PRO G 22 26.14 5.19 4.79
N GLY G 23 25.04 5.39 5.53
CA GLY G 23 23.74 4.88 5.13
C GLY G 23 23.41 3.52 5.74
N ASP G 24 24.40 2.84 6.34
CA ASP G 24 24.15 1.51 6.87
C ASP G 24 23.20 1.58 8.06
N VAL G 25 22.29 0.59 8.13
CA VAL G 25 21.44 0.37 9.30
C VAL G 25 21.93 -0.93 9.93
N ILE G 26 22.20 -0.92 11.25
CA ILE G 26 22.67 -2.14 11.90
C ILE G 26 21.79 -2.53 13.10
N THR G 27 21.86 -3.82 13.45
CA THR G 27 21.31 -4.33 14.70
C THR G 27 22.46 -4.98 15.48
N ILE G 28 22.45 -4.78 16.79
CA ILE G 28 23.34 -5.44 17.73
C ILE G 28 22.48 -6.01 18.86
N VAL G 29 22.74 -7.26 19.24
CA VAL G 29 22.25 -7.84 20.49
C VAL G 29 23.43 -8.37 21.34
N ALA G 30 23.49 -7.94 22.61
CA ALA G 30 24.55 -8.33 23.54
C ALA G 30 23.95 -9.05 24.76
N ALA G 31 24.65 -10.09 25.24
CA ALA G 31 24.20 -10.90 26.38
C ALA G 31 25.42 -11.27 27.22
N GLY G 32 25.21 -11.77 28.44
CA GLY G 32 26.29 -12.30 29.26
C GLY G 32 26.49 -11.51 30.54
N TRP G 33 27.59 -11.86 31.24
CA TRP G 33 27.84 -11.46 32.62
C TRP G 33 29.30 -11.12 32.75
N ALA G 34 29.61 -9.91 33.26
CA ALA G 34 30.98 -9.45 33.44
C ALA G 34 31.14 -8.57 34.67
N SER G 35 32.39 -8.41 35.10
CA SER G 35 32.78 -7.56 36.22
C SER G 35 34.00 -6.71 35.91
N TYR G 36 34.01 -5.49 36.46
CA TYR G 36 35.14 -4.58 36.43
C TYR G 36 36.05 -4.75 37.67
N GLY G 37 35.76 -5.75 38.53
CA GLY G 37 36.65 -6.09 39.64
C GLY G 37 35.95 -6.85 40.78
N PRO G 38 34.79 -6.39 41.29
CA PRO G 38 34.04 -7.13 42.32
C PRO G 38 33.66 -8.57 41.97
N THR G 39 33.35 -9.39 43.00
CA THR G 39 33.02 -10.78 42.75
C THR G 39 31.70 -10.87 41.98
N GLN G 40 30.80 -9.92 42.23
CA GLN G 40 29.49 -9.83 41.60
C GLN G 40 29.67 -9.52 40.11
N LYS G 41 28.72 -9.95 39.28
CA LYS G 41 28.74 -9.59 37.86
C LYS G 41 27.46 -8.87 37.46
N TRP G 42 27.57 -8.12 36.34
CA TRP G 42 26.50 -7.32 35.78
C TRP G 42 26.31 -7.61 34.29
N GLY G 43 25.13 -7.30 33.78
CA GLY G 43 24.86 -7.44 32.36
C GLY G 43 25.43 -6.29 31.54
N PRO G 44 25.14 -6.28 30.22
CA PRO G 44 25.74 -5.31 29.30
C PRO G 44 25.36 -3.85 29.50
N GLN G 45 24.40 -3.58 30.40
CA GLN G 45 24.15 -2.19 30.78
C GLN G 45 25.06 -1.74 31.94
N GLY G 46 25.82 -2.67 32.53
CA GLY G 46 26.75 -2.33 33.61
C GLY G 46 26.06 -2.15 34.97
N ASP G 47 26.79 -1.45 35.88
CA ASP G 47 26.39 -1.24 37.26
C ASP G 47 25.94 0.22 37.44
N ARG G 48 24.63 0.40 37.59
CA ARG G 48 24.00 1.71 37.68
C ARG G 48 24.33 2.44 38.98
N GLU G 49 24.96 1.75 39.94
CA GLU G 49 25.21 2.38 41.23
C GLU G 49 26.67 2.78 41.44
N HIS G 50 27.53 2.53 40.45
CA HIS G 50 28.96 2.78 40.58
C HIS G 50 29.29 4.14 39.98
N PRO G 51 30.13 5.00 40.62
CA PRO G 51 30.47 6.30 40.05
C PRO G 51 31.47 6.17 38.88
N ASP G 52 31.54 7.22 38.05
CA ASP G 52 32.48 7.31 36.94
C ASP G 52 33.82 7.87 37.44
N GLN G 53 34.85 7.01 37.49
CA GLN G 53 36.19 7.37 37.90
C GLN G 53 37.12 7.65 36.70
N GLY G 54 36.56 7.98 35.52
CA GLY G 54 37.34 8.20 34.31
C GLY G 54 37.18 7.07 33.28
N LEU G 55 35.93 6.64 33.07
CA LEU G 55 35.57 5.60 32.11
C LEU G 55 35.91 6.06 30.68
N ILE G 56 36.17 5.11 29.78
CA ILE G 56 36.40 5.45 28.38
C ILE G 56 35.12 6.00 27.75
N CYS G 57 33.96 5.72 28.36
CA CYS G 57 32.70 6.24 27.88
C CYS G 57 31.91 6.82 29.05
N HIS G 58 31.79 8.15 29.09
CA HIS G 58 31.11 8.83 30.18
C HIS G 58 29.59 8.68 30.03
N ASP G 59 29.10 8.17 28.90
CA ASP G 59 27.67 8.13 28.60
C ASP G 59 27.05 6.76 28.88
N ALA G 60 27.84 5.82 29.41
CA ALA G 60 27.31 4.57 29.90
C ALA G 60 27.91 4.26 31.27
N PHE G 61 27.27 3.32 31.97
CA PHE G 61 27.73 2.89 33.28
C PHE G 61 29.03 2.09 33.18
N CYS G 62 29.80 2.09 34.28
CA CYS G 62 30.93 1.18 34.43
C CYS G 62 30.40 -0.26 34.23
N GLY G 63 31.10 -1.03 33.40
CA GLY G 63 30.71 -2.41 33.10
C GLY G 63 29.76 -2.54 31.91
N ALA G 64 29.42 -1.44 31.25
CA ALA G 64 28.54 -1.51 30.08
C ALA G 64 29.33 -1.87 28.83
N LEU G 65 28.64 -2.43 27.80
CA LEU G 65 29.23 -2.61 26.48
C LEU G 65 29.20 -1.29 25.69
N VAL G 66 30.35 -0.87 25.13
CA VAL G 66 30.41 0.31 24.26
C VAL G 66 31.12 -0.08 22.96
N MET G 67 31.27 0.88 22.02
CA MET G 67 31.97 0.56 20.78
C MET G 67 32.66 1.81 20.25
N LYS G 68 33.58 1.59 19.32
CA LYS G 68 34.12 2.64 18.46
C LYS G 68 33.91 2.25 17.00
N ILE G 69 33.64 3.24 16.16
CA ILE G 69 33.57 3.03 14.73
C ILE G 69 34.67 3.82 14.02
N GLY G 70 35.59 3.09 13.39
CA GLY G 70 36.80 3.68 12.84
C GLY G 70 37.46 4.57 13.88
N ASN G 71 37.66 5.86 13.52
CA ASN G 71 38.34 6.86 14.34
C ASN G 71 37.42 7.57 15.34
N SER G 72 36.18 7.07 15.56
CA SER G 72 35.21 7.70 16.44
C SER G 72 35.63 7.61 17.91
N GLY G 73 35.05 8.49 18.71
CA GLY G 73 34.99 8.30 20.16
C GLY G 73 34.05 7.13 20.54
N THR G 74 34.01 6.80 21.84
CA THR G 74 33.18 5.69 22.30
C THR G 74 31.70 6.04 22.17
N ILE G 75 30.91 5.05 21.73
CA ILE G 75 29.46 5.17 21.59
C ILE G 75 28.82 4.06 22.43
N PRO G 76 27.81 4.30 23.29
CA PRO G 76 27.17 3.22 24.05
C PRO G 76 26.49 2.17 23.19
N VAL G 77 26.59 0.92 23.65
CA VAL G 77 25.85 -0.18 23.04
C VAL G 77 24.86 -0.75 24.06
N ASN G 78 25.30 -1.00 25.30
CA ASN G 78 24.43 -1.60 26.32
C ASN G 78 23.91 -2.96 25.83
N THR G 79 22.60 -3.25 25.97
CA THR G 79 22.02 -4.55 25.57
C THR G 79 21.97 -4.68 24.05
N GLY G 80 22.07 -3.55 23.35
CA GLY G 80 22.09 -3.58 21.90
C GLY G 80 21.39 -2.38 21.25
N LEU G 81 21.30 -2.47 19.93
CA LEU G 81 20.75 -1.40 19.09
C LEU G 81 19.79 -2.03 18.09
N PHE G 82 18.65 -1.39 17.89
CA PHE G 82 17.66 -1.89 16.95
C PHE G 82 17.56 -1.00 15.74
N ARG G 83 17.98 -1.55 14.59
CA ARG G 83 17.83 -0.87 13.29
C ARG G 83 18.32 0.56 13.42
N TRP G 84 19.60 0.69 13.80
CA TRP G 84 20.27 1.91 14.24
C TRP G 84 21.17 2.45 13.12
N VAL G 85 21.19 3.79 12.99
CA VAL G 85 22.02 4.52 12.05
C VAL G 85 23.01 5.33 12.89
N ALA G 86 24.27 5.32 12.43
CA ALA G 86 25.34 6.04 13.11
C ALA G 86 25.18 7.55 12.88
N PRO G 87 25.84 8.37 13.72
CA PRO G 87 25.98 9.80 13.43
C PRO G 87 26.66 9.95 12.07
N ASN G 88 26.39 11.07 11.40
CA ASN G 88 27.17 11.43 10.23
C ASN G 88 28.65 11.57 10.62
N ASN G 89 29.53 11.35 9.63
CA ASN G 89 30.98 11.56 9.77
C ASN G 89 31.61 10.48 10.64
N VAL G 90 30.89 9.38 10.80
CA VAL G 90 31.40 8.24 11.55
C VAL G 90 31.40 7.07 10.58
N GLN G 91 32.56 6.45 10.33
CA GLN G 91 32.63 5.27 9.49
C GLN G 91 33.89 4.44 9.77
N GLY G 92 33.85 3.19 9.33
CA GLY G 92 34.99 2.27 9.43
C GLY G 92 34.69 1.07 10.30
N ALA G 93 35.76 0.32 10.63
CA ALA G 93 35.60 -0.91 11.37
C ALA G 93 34.98 -0.65 12.76
N ILE G 94 34.05 -1.53 13.16
CA ILE G 94 33.50 -1.55 14.52
C ILE G 94 34.40 -2.34 15.46
N THR G 95 34.81 -1.68 16.54
CA THR G 95 35.48 -2.35 17.65
C THR G 95 34.59 -2.29 18.88
N LEU G 96 34.34 -3.45 19.51
CA LEU G 96 33.57 -3.52 20.75
C LEU G 96 34.51 -3.47 21.96
N ILE G 97 34.08 -2.78 23.03
CA ILE G 97 34.92 -2.56 24.22
C ILE G 97 34.07 -2.57 25.51
N TYR G 98 34.61 -3.18 26.56
CA TYR G 98 34.05 -3.10 27.91
C TYR G 98 34.35 -1.72 28.51
N ASN G 99 33.36 -1.08 29.15
CA ASN G 99 33.54 0.25 29.69
C ASN G 99 34.21 0.18 31.06
N ASP G 100 35.50 0.53 31.16
CA ASP G 100 36.21 0.62 32.44
C ASP G 100 37.17 1.81 32.36
N VAL G 101 37.92 2.05 33.44
CA VAL G 101 38.96 3.07 33.46
C VAL G 101 40.25 2.59 32.82
N PRO G 102 40.89 3.38 31.93
CA PRO G 102 42.13 2.92 31.30
C PRO G 102 43.16 2.60 32.38
N GLY G 103 43.87 1.50 32.16
CA GLY G 103 44.84 0.96 33.10
C GLY G 103 44.23 0.09 34.20
N THR G 104 42.89 -0.03 34.30
CA THR G 104 42.30 -0.85 35.37
C THR G 104 41.60 -2.13 34.85
N TYR G 105 41.92 -2.56 33.62
CA TYR G 105 41.22 -3.69 33.01
C TYR G 105 41.73 -5.05 33.52
N GLY G 106 42.91 -5.08 34.15
CA GLY G 106 43.56 -6.34 34.47
C GLY G 106 42.81 -7.20 35.47
N ASN G 107 41.98 -6.60 36.33
CA ASN G 107 41.23 -7.35 37.35
C ASN G 107 39.79 -7.65 36.93
N ASN G 108 39.49 -7.49 35.63
CA ASN G 108 38.16 -7.71 35.10
C ASN G 108 37.92 -9.21 34.84
N SER G 109 36.63 -9.57 34.81
CA SER G 109 36.25 -10.93 34.50
C SER G 109 34.94 -11.02 33.72
N GLY G 110 34.81 -12.18 33.07
CA GLY G 110 33.67 -12.48 32.23
C GLY G 110 33.75 -11.77 30.89
N SER G 111 32.63 -11.82 30.17
CA SER G 111 32.54 -11.44 28.77
C SER G 111 31.09 -11.29 28.36
N PHE G 112 30.93 -10.59 27.24
CA PHE G 112 29.66 -10.47 26.57
C PHE G 112 29.73 -11.17 25.21
N SER G 113 28.65 -11.90 24.92
CA SER G 113 28.43 -12.48 23.59
CA SER G 113 28.47 -12.46 23.59
C SER G 113 27.64 -11.47 22.76
N VAL G 114 28.09 -11.23 21.52
CA VAL G 114 27.51 -10.14 20.73
C VAL G 114 27.28 -10.60 19.27
N ASN G 115 26.08 -10.32 18.75
CA ASN G 115 25.77 -10.44 17.34
C ASN G 115 25.63 -9.06 16.72
N ILE G 116 26.22 -8.83 15.54
CA ILE G 116 26.00 -7.61 14.76
C ILE G 116 25.61 -7.99 13.34
N GLY G 117 24.60 -7.33 12.78
CA GLY G 117 24.34 -7.48 11.36
C GLY G 117 23.90 -6.18 10.71
N LYS G 118 23.95 -6.15 9.38
CA LYS G 118 23.41 -5.03 8.62
C LYS G 118 21.99 -5.36 8.18
N ASP G 119 21.13 -4.34 8.20
CA ASP G 119 19.69 -4.47 7.96
C ASP G 119 19.36 -3.85 6.62
N GLN G 120 18.14 -4.16 6.16
CA GLN G 120 17.61 -3.55 4.95
C GLN G 120 17.61 -2.03 5.03
N SER G 121 18.00 -1.40 3.90
CA SER G 121 17.93 0.03 3.68
C SER G 121 17.60 0.41 2.21
N ALA H 1 -8.55 -0.38 -0.77
CA ALA H 1 -8.87 -0.08 0.65
C ALA H 1 -8.07 -0.95 1.61
N TRP H 2 -8.08 -0.56 2.89
CA TRP H 2 -7.40 -1.30 3.95
C TRP H 2 -8.29 -1.39 5.19
N LYS H 3 -8.23 -2.55 5.86
CA LYS H 3 -8.93 -2.75 7.13
C LYS H 3 -7.95 -3.44 8.07
N GLY H 4 -7.90 -2.97 9.32
CA GLY H 4 -6.97 -3.54 10.28
C GLY H 4 -7.20 -2.97 11.68
N GLU H 5 -6.25 -3.26 12.56
CA GLU H 5 -6.32 -2.95 13.97
C GLU H 5 -5.09 -2.15 14.37
N VAL H 6 -5.26 -1.23 15.33
CA VAL H 6 -4.20 -0.47 15.95
C VAL H 6 -4.21 -0.73 17.46
N LEU H 7 -3.10 -1.20 18.06
CA LEU H 7 -3.06 -1.54 19.48
C LEU H 7 -2.72 -0.30 20.28
N ALA H 8 -3.37 -0.14 21.46
CA ALA H 8 -3.11 0.97 22.35
C ALA H 8 -1.70 0.93 22.92
N ASN H 9 -1.10 -0.27 23.02
CA ASN H 9 0.19 -0.43 23.64
C ASN H 9 1.38 -0.26 22.68
N ASN H 10 1.19 0.14 21.40
CA ASN H 10 2.25 0.10 20.40
C ASN H 10 2.72 1.51 20.04
N GLU H 11 3.88 1.89 20.52
CA GLU H 11 4.40 3.22 20.24
C GLU H 11 4.75 3.42 18.77
N ALA H 12 5.00 2.33 18.03
CA ALA H 12 5.38 2.44 16.62
C ALA H 12 4.13 2.52 15.71
N GLY H 13 2.96 2.16 16.25
CA GLY H 13 1.75 2.23 15.46
C GLY H 13 1.65 1.08 14.46
N GLN H 14 0.68 1.23 13.53
CA GLN H 14 0.33 0.21 12.57
C GLN H 14 0.43 0.84 11.18
N VAL H 15 1.37 0.29 10.37
CA VAL H 15 1.59 0.69 8.99
CA VAL H 15 1.56 0.72 8.99
C VAL H 15 0.43 0.13 8.18
N THR H 16 -0.12 0.90 7.23
CA THR H 16 -1.19 0.44 6.37
C THR H 16 -0.64 0.31 4.97
N SER H 17 -1.47 -0.19 4.05
CA SER H 17 -1.08 -0.32 2.66
C SER H 17 -1.49 0.90 1.83
N ILE H 18 -2.05 1.93 2.49
CA ILE H 18 -2.50 3.13 1.83
C ILE H 18 -1.31 4.11 1.68
N ILE H 19 -0.92 4.41 0.42
CA ILE H 19 0.04 5.46 0.13
C ILE H 19 -0.76 6.70 -0.24
N TYR H 20 -0.70 7.72 0.60
CA TYR H 20 -1.36 8.99 0.33
C TYR H 20 -0.55 9.80 -0.70
N ASN H 21 -1.17 10.12 -1.84
CA ASN H 21 -0.53 10.88 -2.91
C ASN H 21 -1.19 12.25 -3.07
N PRO H 22 -0.45 13.28 -3.55
CA PRO H 22 -1.02 14.63 -3.66
C PRO H 22 -2.35 14.60 -4.39
N GLY H 23 -3.35 15.29 -3.84
CA GLY H 23 -4.65 15.37 -4.46
C GLY H 23 -5.59 14.21 -4.07
N ASP H 24 -5.10 13.19 -3.39
CA ASP H 24 -5.98 12.09 -3.00
C ASP H 24 -7.04 12.55 -2.00
N VAL H 25 -8.27 12.02 -2.14
CA VAL H 25 -9.32 12.17 -1.14
C VAL H 25 -9.54 10.84 -0.42
N ILE H 26 -9.57 10.84 0.92
CA ILE H 26 -9.74 9.58 1.64
C ILE H 26 -10.87 9.65 2.67
N THR H 27 -11.38 8.48 3.06
CA THR H 27 -12.34 8.30 4.16
C THR H 27 -11.76 7.23 5.10
N ILE H 28 -11.79 7.56 6.40
CA ILE H 28 -11.47 6.69 7.52
C ILE H 28 -12.67 6.58 8.46
N VAL H 29 -13.00 5.34 8.89
CA VAL H 29 -13.92 5.06 9.98
C VAL H 29 -13.21 4.18 11.02
N ALA H 30 -13.26 4.59 12.30
CA ALA H 30 -12.63 3.91 13.41
C ALA H 30 -13.65 3.57 14.51
N ALA H 31 -13.42 2.43 15.15
CA ALA H 31 -14.27 1.97 16.23
C ALA H 31 -13.44 1.23 17.27
N GLY H 32 -14.05 0.92 18.43
CA GLY H 32 -13.41 0.10 19.43
C GLY H 32 -13.18 0.86 20.73
N TRP H 33 -12.44 0.20 21.62
CA TRP H 33 -12.30 0.61 23.00
C TRP H 33 -10.87 0.37 23.50
N ALA H 34 -10.31 1.41 24.12
CA ALA H 34 -8.91 1.36 24.53
C ALA H 34 -8.71 2.19 25.79
N SER H 35 -7.62 1.90 26.50
CA SER H 35 -7.25 2.64 27.71
C SER H 35 -5.78 3.01 27.65
N TYR H 36 -5.50 4.21 28.15
CA TYR H 36 -4.14 4.65 28.36
C TYR H 36 -3.68 4.35 29.80
N GLY H 37 -4.47 3.60 30.58
CA GLY H 37 -4.05 3.23 31.94
C GLY H 37 -5.22 2.89 32.86
N PRO H 38 -6.22 3.79 33.02
CA PRO H 38 -7.38 3.47 33.87
C PRO H 38 -8.18 2.25 33.47
N THR H 39 -8.93 1.69 34.43
CA THR H 39 -9.79 0.55 34.15
C THR H 39 -10.84 0.94 33.10
N GLN H 40 -11.33 2.18 33.15
CA GLN H 40 -12.30 2.62 32.16
C GLN H 40 -11.69 2.53 30.76
N LYS H 41 -12.52 2.26 29.73
CA LYS H 41 -12.06 2.42 28.35
C LYS H 41 -12.82 3.54 27.63
N TRP H 42 -12.15 4.11 26.61
CA TRP H 42 -12.70 5.17 25.76
C TRP H 42 -12.68 4.76 24.29
N GLY H 43 -13.55 5.37 23.52
CA GLY H 43 -13.55 5.22 22.07
C GLY H 43 -12.45 6.06 21.42
N PRO H 44 -12.43 6.10 20.07
CA PRO H 44 -11.32 6.71 19.33
C PRO H 44 -11.14 8.22 19.44
N GLN H 45 -12.11 8.92 20.08
CA GLN H 45 -11.90 10.33 20.43
C GLN H 45 -11.08 10.48 21.71
N GLY H 46 -10.87 9.40 22.46
CA GLY H 46 -10.13 9.43 23.73
C GLY H 46 -10.96 10.04 24.86
N ASP H 47 -10.23 10.61 25.83
CA ASP H 47 -10.79 11.04 27.11
C ASP H 47 -10.78 12.57 27.16
N ARG H 48 -11.97 13.17 26.99
CA ARG H 48 -12.06 14.62 26.88
C ARG H 48 -11.68 15.32 28.19
N GLU H 49 -11.66 14.60 29.32
CA GLU H 49 -11.44 15.25 30.62
C GLU H 49 -9.99 15.15 31.10
N HIS H 50 -9.06 14.66 30.27
CA HIS H 50 -7.71 14.36 30.74
C HIS H 50 -6.74 15.40 30.19
N PRO H 51 -5.78 15.93 31.01
CA PRO H 51 -4.80 16.90 30.50
C PRO H 51 -3.70 16.32 29.61
N ASP H 52 -3.08 17.18 28.77
CA ASP H 52 -2.00 16.78 27.87
C ASP H 52 -0.67 16.86 28.63
N GLN H 53 -0.02 15.72 28.89
CA GLN H 53 1.23 15.66 29.64
C GLN H 53 2.42 15.27 28.75
N GLY H 54 2.36 15.61 27.46
CA GLY H 54 3.41 15.33 26.50
C GLY H 54 2.98 14.29 25.46
N LEU H 55 1.72 14.42 24.99
CA LEU H 55 1.16 13.50 24.00
C LEU H 55 1.91 13.60 22.66
N ILE H 56 1.90 12.51 21.87
CA ILE H 56 2.50 12.56 20.53
C ILE H 56 1.67 13.48 19.60
N CYS H 57 0.39 13.71 19.92
CA CYS H 57 -0.43 14.67 19.17
C CYS H 57 -1.12 15.63 20.13
N HIS H 58 -0.70 16.91 20.09
CA HIS H 58 -1.25 17.89 21.03
CA HIS H 58 -1.22 17.97 20.95
C HIS H 58 -2.66 18.31 20.59
N ASP H 59 -3.03 17.99 19.33
CA ASP H 59 -4.30 18.42 18.72
C ASP H 59 -5.42 17.37 18.87
N ALA H 60 -5.21 16.33 19.69
CA ALA H 60 -6.25 15.36 20.05
C ALA H 60 -6.13 14.95 21.53
N PHE H 61 -7.19 14.35 22.05
CA PHE H 61 -7.23 13.97 23.46
C PHE H 61 -6.36 12.73 23.67
N CYS H 62 -5.95 12.56 24.93
CA CYS H 62 -5.25 11.36 25.35
C CYS H 62 -6.16 10.18 25.07
N GLY H 63 -5.64 9.14 24.43
CA GLY H 63 -6.43 7.96 24.12
C GLY H 63 -7.17 8.05 22.78
N ALA H 64 -6.88 9.11 21.98
CA ALA H 64 -7.49 9.25 20.66
C ALA H 64 -6.67 8.50 19.62
N LEU H 65 -7.32 8.19 18.48
CA LEU H 65 -6.62 7.71 17.29
C LEU H 65 -6.05 8.87 16.46
N VAL H 66 -4.76 8.78 16.07
CA VAL H 66 -4.10 9.74 15.19
C VAL H 66 -3.30 9.00 14.11
N MET H 67 -2.68 9.73 13.16
CA MET H 67 -1.94 9.11 12.08
C MET H 67 -0.76 10.00 11.67
N LYS H 68 0.17 9.41 10.92
CA LYS H 68 1.15 10.14 10.12
C LYS H 68 1.02 9.72 8.65
N ILE H 69 1.30 10.68 7.74
CA ILE H 69 1.45 10.41 6.32
C ILE H 69 2.93 10.57 5.93
N GLY H 70 3.55 9.47 5.53
CA GLY H 70 5.00 9.37 5.34
C GLY H 70 5.74 9.84 6.58
N ASN H 71 6.65 10.82 6.38
CA ASN H 71 7.44 11.37 7.48
C ASN H 71 6.78 12.60 8.12
N SER H 72 5.46 12.79 7.97
CA SER H 72 4.74 13.91 8.54
C SER H 72 4.76 13.87 10.08
N GLY H 73 4.36 14.99 10.68
CA GLY H 73 3.94 15.05 12.08
C GLY H 73 2.58 14.35 12.30
N THR H 74 2.16 14.19 13.56
CA THR H 74 0.87 13.53 13.80
C THR H 74 -0.29 14.43 13.36
N ILE H 75 -1.34 13.76 12.86
CA ILE H 75 -2.59 14.32 12.40
C ILE H 75 -3.78 13.62 13.08
N PRO H 76 -4.77 14.35 13.64
CA PRO H 76 -5.88 13.71 14.37
C PRO H 76 -6.77 12.90 13.41
N VAL H 77 -7.20 11.72 13.89
CA VAL H 77 -8.17 10.90 13.17
C VAL H 77 -9.48 10.82 13.95
N ASN H 78 -9.43 10.53 15.26
CA ASN H 78 -10.64 10.43 16.09
C ASN H 78 -11.52 9.31 15.55
N THR H 79 -12.85 9.54 15.44
CA THR H 79 -13.78 8.53 14.95
C THR H 79 -13.61 8.33 13.45
N GLY H 80 -12.93 9.27 12.75
CA GLY H 80 -12.70 9.16 11.32
C GLY H 80 -12.70 10.49 10.58
N LEU H 81 -12.55 10.39 9.25
CA LEU H 81 -12.43 11.53 8.35
C LEU H 81 -13.33 11.27 7.16
N PHE H 82 -14.13 12.27 6.76
CA PHE H 82 -15.08 12.10 5.66
C PHE H 82 -14.60 12.88 4.43
N ARG H 83 -14.23 12.16 3.38
CA ARG H 83 -13.85 12.76 2.09
C ARG H 83 -12.83 13.88 2.30
N TRP H 84 -11.70 13.50 2.89
CA TRP H 84 -10.71 14.41 3.41
C TRP H 84 -9.48 14.52 2.53
N VAL H 85 -8.96 15.75 2.38
CA VAL H 85 -7.72 16.01 1.64
C VAL H 85 -6.70 16.54 2.62
N ALA H 86 -5.45 16.07 2.51
CA ALA H 86 -4.38 16.42 3.43
C ALA H 86 -3.95 17.87 3.19
N PRO H 87 -3.58 18.62 4.26
CA PRO H 87 -2.80 19.87 4.13
C PRO H 87 -1.65 19.91 3.14
N ASN H 89 1.42 19.74 1.86
CA ASN H 89 1.98 18.74 0.90
C ASN H 89 2.69 17.60 1.65
N VAL H 90 1.89 16.69 2.20
CA VAL H 90 2.33 15.42 2.75
C VAL H 90 2.07 14.31 1.72
N GLN H 91 2.88 13.25 1.78
CA GLN H 91 2.88 12.12 0.86
C GLN H 91 3.48 10.93 1.57
N GLY H 92 2.91 9.75 1.33
CA GLY H 92 3.52 8.47 1.69
C GLY H 92 2.52 7.58 2.41
N ALA H 93 3.04 6.48 2.91
CA ALA H 93 2.27 5.49 3.67
C ALA H 93 1.59 6.17 4.84
N ILE H 94 0.33 5.76 5.09
CA ILE H 94 -0.37 6.11 6.32
C ILE H 94 0.00 5.12 7.43
N THR H 95 0.41 5.66 8.59
CA THR H 95 0.64 4.87 9.79
C THR H 95 -0.36 5.34 10.86
N LEU H 96 -1.10 4.40 11.50
CA LEU H 96 -2.05 4.71 12.57
C LEU H 96 -1.37 4.52 13.92
N ILE H 97 -1.67 5.42 14.88
CA ILE H 97 -1.04 5.40 16.20
C ILE H 97 -2.04 5.81 17.29
N TYR H 98 -1.89 5.20 18.47
CA TYR H 98 -2.62 5.55 19.69
C TYR H 98 -1.94 6.73 20.38
N ASN H 99 -2.73 7.76 20.72
CA ASN H 99 -2.19 8.97 21.29
C ASN H 99 -1.97 8.81 22.81
N ASP H 100 -0.69 8.66 23.20
CA ASP H 100 -0.30 8.70 24.60
C ASP H 100 1.07 9.37 24.68
N VAL H 101 1.57 9.50 25.93
CA VAL H 101 2.89 10.07 26.20
C VAL H 101 3.95 8.99 25.95
N PRO H 102 4.97 9.24 25.10
CA PRO H 102 6.06 8.27 24.88
C PRO H 102 6.68 7.82 26.19
N GLY H 103 6.90 6.50 26.29
CA GLY H 103 7.46 5.89 27.49
C GLY H 103 6.39 5.44 28.49
N THR H 104 5.10 5.79 28.26
CA THR H 104 4.01 5.47 29.17
C THR H 104 2.99 4.51 28.54
N TYR H 105 3.37 3.81 27.47
CA TYR H 105 2.44 2.92 26.75
C TYR H 105 2.32 1.54 27.42
N GLY H 106 3.21 1.27 28.38
CA GLY H 106 3.23 -0.02 29.05
C GLY H 106 1.94 -0.40 29.79
N ASN H 107 1.13 0.57 30.23
CA ASN H 107 -0.06 0.23 31.00
C ASN H 107 -1.33 0.36 30.13
N ASN H 108 -1.14 0.43 28.81
CA ASN H 108 -2.26 0.63 27.90
C ASN H 108 -2.92 -0.70 27.57
N SER H 109 -4.16 -0.67 27.06
CA SER H 109 -4.85 -1.90 26.74
C SER H 109 -5.93 -1.62 25.69
N GLY H 110 -6.31 -2.66 24.96
CA GLY H 110 -7.33 -2.50 23.93
C GLY H 110 -6.77 -2.07 22.59
N SER H 111 -7.69 -1.75 21.67
CA SER H 111 -7.31 -1.52 20.27
C SER H 111 -8.48 -0.86 19.56
N PHE H 112 -8.18 -0.19 18.44
CA PHE H 112 -9.19 0.30 17.51
C PHE H 112 -9.17 -0.46 16.19
N SER H 113 -10.38 -0.69 15.66
N SER H 113 -10.37 -0.77 15.69
CA SER H 113 -10.58 -1.25 14.33
CA SER H 113 -10.53 -1.25 14.33
C SER H 113 -10.83 -0.14 13.31
C SER H 113 -10.65 -0.06 13.40
N VAL H 114 -10.14 -0.20 12.16
CA VAL H 114 -10.04 0.94 11.26
C VAL H 114 -10.23 0.51 9.81
N ASN H 115 -11.05 1.25 9.07
CA ASN H 115 -11.14 1.11 7.63
C ASN H 115 -10.69 2.42 6.95
N ILE H 116 -9.88 2.30 5.89
CA ILE H 116 -9.44 3.42 5.07
C ILE H 116 -9.66 3.10 3.59
N GLY H 117 -10.16 4.07 2.84
CA GLY H 117 -10.20 3.93 1.40
C GLY H 117 -10.07 5.26 0.67
N LYS H 118 -9.67 5.19 -0.62
CA LYS H 118 -9.56 6.40 -1.42
C LYS H 118 -10.93 6.65 -2.07
N ASP H 119 -11.31 7.91 -2.13
CA ASP H 119 -12.56 8.35 -2.72
C ASP H 119 -12.35 8.94 -4.12
N GLN H 120 -13.46 9.34 -4.72
CA GLN H 120 -13.46 9.98 -6.03
C GLN H 120 -12.76 11.34 -5.92
N SER H 121 -11.97 11.71 -6.95
CA SER H 121 -11.29 12.99 -6.98
C SER H 121 -11.04 13.47 -8.41
C1 FUC I . -1.90 -16.66 -32.47
C2 FUC I . -1.28 -15.64 -33.40
C3 FUC I . -0.07 -16.27 -34.11
C4 FUC I . -0.44 -17.55 -34.80
C5 FUC I . -1.22 -18.47 -33.87
C6 FUC I . -1.83 -19.66 -34.58
O2 FUC I . -0.83 -14.50 -32.69
O3 FUC I . 0.49 -15.37 -35.08
O4 FUC I . -1.23 -17.24 -35.95
O5 FUC I . -2.32 -17.78 -33.26
C1 YIO I . -1.90 -18.08 -29.98
C2 YIO I . -1.40 -19.44 -29.49
C3 YIO I . -2.43 -20.07 -28.53
C4 YIO I . -2.77 -19.11 -27.42
C5 YIO I . -3.17 -17.75 -27.98
C6 YIO I . -3.34 -16.71 -26.89
O2 YIO I . -1.15 -20.28 -30.61
O3 YIO I . -1.97 -21.29 -27.96
O4 YIO I . -1.66 -19.13 -26.51
O5 YIO I . -2.17 -17.22 -28.88
O6 YIO I . -3.91 -15.48 -27.34
S1 YIO I . -0.76 -17.22 -31.13
C1 FUC J . -30.28 7.42 -46.97
C2 FUC J . -29.14 8.15 -47.63
C3 FUC J . -28.11 7.18 -48.18
C4 FUC J . -28.76 6.15 -49.11
C5 FUC J . -29.94 5.50 -48.37
C6 FUC J . -30.73 4.54 -49.22
O2 FUC J . -28.43 8.99 -46.71
O3 FUC J . -27.07 7.94 -48.78
O4 FUC J . -29.22 6.76 -50.31
O5 FUC J . -30.86 6.51 -47.89
C1 YIO J . -31.28 6.37 -44.60
C2 YIO J . -31.40 4.91 -44.15
C3 YIO J . -32.75 4.68 -43.49
C4 YIO J . -32.91 5.61 -42.30
C5 YIO J . -32.70 7.05 -42.75
C6 YIO J . -32.65 7.97 -41.54
O2 YIO J . -31.29 4.01 -45.26
O3 YIO J . -32.95 3.35 -42.99
O4 YIO J . -32.01 5.17 -41.26
O5 YIO J . -31.45 7.23 -43.47
O6 YIO J . -32.64 9.35 -41.89
S1 YIO J . -29.68 6.51 -45.47
C1 FUC K . -27.73 -18.77 -32.42
C2 FUC K . -28.62 -19.93 -32.91
C3 FUC K . -30.01 -19.46 -33.28
C4 FUC K . -29.92 -18.31 -34.27
C5 FUC K . -28.99 -17.22 -33.73
C6 FUC K . -28.77 -16.09 -34.70
O2 FUC K . -28.87 -20.93 -31.93
O3 FUC K . -30.74 -20.61 -33.76
O4 FUC K . -29.49 -18.71 -35.58
O5 FUC K . -27.69 -17.74 -33.40
C1 YIO K . -26.96 -17.21 -30.25
C2 YIO K . -27.37 -15.81 -29.84
C3 YIO K . -26.13 -15.02 -29.44
C4 YIO K . -25.41 -15.71 -28.31
C5 YIO K . -25.15 -17.17 -28.69
C6 YIO K . -24.58 -18.00 -27.56
O2 YIO K . -27.95 -15.10 -30.93
O3 YIO K . -26.46 -13.69 -29.06
O4 YIO K . -26.11 -15.58 -27.06
O5 YIO K . -26.37 -17.83 -29.14
O6 YIO K . -24.19 -19.29 -28.07
S1 YIO K . -28.34 -18.15 -30.80
C1 FUC L . 36.16 -0.17 43.73
C2 FUC L . 35.04 -0.30 44.74
C3 FUC L . 35.00 -1.73 45.29
C4 FUC L . 36.34 -2.16 45.85
C5 FUC L . 37.43 -1.86 44.82
C6 FUC L . 38.83 -2.08 45.36
O2 FUC L . 33.78 0.02 44.15
O3 FUC L . 34.00 -1.87 46.31
O4 FUC L . 36.60 -1.47 47.07
O5 FUC L . 37.37 -0.49 44.39
C1 YIO L . 37.05 -0.52 40.96
C2 YIO L . 37.89 -1.64 40.37
C3 YIO L . 38.92 -1.08 39.39
C4 YIO L . 38.26 -0.16 38.38
C5 YIO L . 37.32 0.85 39.05
C6 YIO L . 36.49 1.65 38.05
O2 YIO L . 38.63 -2.35 41.36
O3 YIO L . 39.59 -2.12 38.64
O4 YIO L . 37.56 -0.99 37.46
O5 YIO L . 36.38 0.19 39.91
O6 YIO L . 35.73 2.65 38.70
S1 YIO L . 35.93 -1.19 42.20
C1 FUC M . -3.08 9.39 35.54
C2 FUC M . -4.36 9.82 36.26
C3 FUC M . -5.16 8.58 36.73
C4 FUC M . -4.27 7.80 37.68
C5 FUC M . -2.95 7.46 36.96
C6 FUC M . -1.96 6.77 37.86
O2 FUC M . -5.22 10.56 35.41
O3 FUC M . -6.42 9.00 37.31
O4 FUC M . -3.95 8.53 38.87
O5 FUC M . -2.29 8.63 36.44
C1 YIO M . -1.82 8.42 33.18
C2 YIO M . -1.32 7.03 32.80
C3 YIO M . 0.00 7.11 32.06
C4 YIO M . -0.08 8.00 30.84
C5 YIO M . -0.62 9.36 31.29
C6 YIO M . -0.88 10.32 30.16
O2 YIO M . -1.21 6.24 33.98
O3 YIO M . 0.42 5.80 31.61
O4 YIO M . -0.87 7.35 29.84
O5 YIO M . -1.89 9.18 31.97
O6 YIO M . -1.36 11.61 30.61
S1 YIO M . -3.41 8.39 34.04
CA CA N . -0.50 -21.26 -26.01
CL CL O . 2.17 -0.15 -21.30
CA CA P . -31.95 2.79 -40.85
CA CA Q . -1.77 14.67 -40.91
C1 YIO R . -2.52 11.44 -44.98
C2 YIO R . -2.38 12.85 -44.43
C3 YIO R . -1.03 12.97 -43.72
C4 YIO R . -0.94 11.92 -42.62
C5 YIO R . -1.26 10.52 -43.17
C6 YIO R . -1.40 9.50 -42.05
O2 YIO R . -2.46 13.84 -45.43
O3 YIO R . -0.89 14.28 -43.19
O4 YIO R . -1.85 12.28 -41.56
O5 YIO R . -2.50 10.49 -43.91
O6 YIO R . -1.28 8.16 -42.48
S1 YIO R . -4.07 11.19 -45.91
CA CA S . -27.14 -13.37 -26.67
CA CA T . 16.13 25.02 24.48
C1 YIO U . 17.68 21.97 28.43
C2 YIO U . 17.20 23.33 27.90
C3 YIO U . 15.85 23.12 27.23
C4 YIO U . 15.96 22.11 26.11
C5 YIO U . 16.58 20.82 26.63
C6 YIO U . 16.87 19.84 25.51
O2 YIO U . 17.09 24.30 28.95
O3 YIO U . 15.28 24.32 26.71
O4 YIO U . 16.66 22.77 25.05
O5 YIO U . 17.82 21.06 27.34
O6 YIO U . 17.36 18.61 26.01
S1 YIO U . 19.25 22.06 29.35
C1 PEG V . 9.54 20.20 12.96
O1 PEG V . 10.06 18.87 13.09
C2 PEG V . 10.55 21.23 12.48
O2 PEG V . 10.36 21.54 11.09
C3 PEG V . 9.69 22.77 10.84
C4 PEG V . 9.82 23.17 9.39
O4 PEG V . 9.01 22.39 8.51
CA CA W . 7.80 -10.02 43.48
C1 YIO X . 11.22 -12.16 46.91
C2 YIO X . 10.15 -11.13 46.59
C3 YIO X . 8.85 -11.81 46.20
C4 YIO X . 9.00 -12.78 45.05
C5 YIO X . 10.18 -13.70 45.37
C6 YIO X . 10.50 -14.56 44.17
O2 YIO X . 9.84 -10.31 47.73
O3 YIO X . 7.87 -10.86 45.83
O4 YIO X . 9.08 -12.11 43.78
O5 YIO X . 11.38 -12.96 45.73
O6 YIO X . 11.35 -15.66 44.47
S1 YIO X . 12.79 -11.43 47.44
CA CA Y . 38.69 -3.03 36.62
CA CA Z . -0.33 4.97 29.45
C1 PEG AA . 6.22 9.56 17.18
O1 PEG AA . 5.81 10.89 16.94
C2 PEG AA . 5.24 8.52 16.71
O2 PEG AA . 5.57 8.09 15.40
C3 PEG AA . 5.69 6.68 15.23
C4 PEG AA . 5.39 6.27 13.80
O4 PEG AA . 6.19 6.91 12.80
#